data_8FEV
#
_entry.id   8FEV
#
_cell.length_a   165.012
_cell.length_b   165.012
_cell.length_c   209.116
_cell.angle_alpha   90.00
_cell.angle_beta   90.00
_cell.angle_gamma   90.00
#
_symmetry.space_group_name_H-M   'I 41 2 2'
#
loop_
_entity.id
_entity.type
_entity.pdbx_description
1 polymer '3-deoxyanthocyanidin synthase'
2 non-polymer (2R,3R)-2-(3,4-DIHYDROXYPHENYL)-3,5,7-TRIHYDROXY-2,3-DIHYDRO-4H-CHROMEN-4-ONE
3 non-polymer 'NADP NICOTINAMIDE-ADENINE-DINUCLEOTIDE PHOSPHATE'
4 non-polymer 'SULFATE ION'
5 water water
#
_entity_poly.entity_id   1
_entity_poly.type   'polypeptide(L)'
_entity_poly.pdbx_seq_one_letter_code
;MSSSAGNKKTMKTACVTGGSGYIGSALIKLLLEKGYAVKTTVRNPDDMEKNSHLKDLQKLGPLTVFRADMDEEGSFDDAV
AGCDYVFLVAAPLHFEAQDPEKEQIEPAIQGTLNTMRSCVKAGTVRRVILTSSVAAVYFRPDLLGDGHGHVLDEDSWSDV
DFLRAHKPPTWSHCVSKVLLEKEAGRFAEEHGISLVTILPVIVVGAAPAPKARSSIVDCLSMLSGDEAGLAMLRAIQKTS
GEVQLVHVDDLCRAELFLAENATANGRYICSRYHPTLVELATFLAQKYPQYGVKPTDFDDEERPRVTMSLEKLIREGFEY
KHNTLEEIYDNVVEYGKALGILPY
;
_entity_poly.pdbx_strand_id   A,B
#
loop_
_chem_comp.id
_chem_comp.type
_chem_comp.name
_chem_comp.formula
DQH non-polymer (2R,3R)-2-(3,4-DIHYDROXYPHENYL)-3,5,7-TRIHYDROXY-2,3-DIHYDRO-4H-CHROMEN-4-ONE 'C15 H12 O7'
NAP non-polymer 'NADP NICOTINAMIDE-ADENINE-DINUCLEOTIDE PHOSPHATE' 'C21 H28 N7 O17 P3'
SO4 non-polymer 'SULFATE ION' 'O4 S -2'
#
# COMPACT_ATOMS: atom_id res chain seq x y z
N MET A 11 -14.06 21.24 25.03
CA MET A 11 -13.26 20.08 25.42
C MET A 11 -14.07 18.80 25.55
N LYS A 12 -13.79 17.85 24.67
CA LYS A 12 -14.47 16.56 24.64
C LYS A 12 -13.87 15.61 25.68
N THR A 13 -14.65 14.61 26.06
CA THR A 13 -14.20 13.60 27.01
C THR A 13 -14.28 12.23 26.36
N ALA A 14 -13.30 11.39 26.67
CA ALA A 14 -13.25 10.06 26.08
C ALA A 14 -12.87 9.08 27.18
N CYS A 15 -13.35 7.85 27.05
CA CYS A 15 -13.00 6.79 27.97
C CYS A 15 -12.11 5.79 27.26
N VAL A 16 -11.15 5.23 27.98
CA VAL A 16 -10.29 4.20 27.45
C VAL A 16 -10.28 3.03 28.43
N THR A 17 -10.71 1.86 27.98
CA THR A 17 -10.72 0.72 28.88
C THR A 17 -9.35 0.04 28.87
N GLY A 18 -8.91 -0.43 30.04
CA GLY A 18 -7.62 -1.06 30.18
C GLY A 18 -6.47 -0.07 30.12
N GLY A 19 -6.54 0.98 30.92
CA GLY A 19 -5.45 1.95 31.02
C GLY A 19 -4.11 1.35 31.38
N SER A 20 -4.10 0.19 32.03
CA SER A 20 -2.82 -0.41 32.38
C SER A 20 -2.21 -1.21 31.24
N GLY A 21 -2.92 -1.35 30.12
CA GLY A 21 -2.46 -2.15 29.02
C GLY A 21 -1.58 -1.37 28.03
N TYR A 22 -0.90 -2.14 27.17
CA TYR A 22 -0.02 -1.61 26.15
C TYR A 22 -0.73 -0.57 25.29
N ILE A 23 -1.71 -1.01 24.50
CA ILE A 23 -2.31 -0.08 23.56
C ILE A 23 -3.13 0.97 24.28
N GLY A 24 -3.84 0.58 25.33
CA GLY A 24 -4.68 1.53 26.04
C GLY A 24 -3.87 2.67 26.63
N SER A 25 -2.71 2.35 27.21
CA SER A 25 -1.86 3.39 27.78
C SER A 25 -1.41 4.35 26.68
N ALA A 26 -0.96 3.82 25.54
CA ALA A 26 -0.57 4.69 24.44
C ALA A 26 -1.74 5.54 23.97
N LEU A 27 -2.94 5.00 24.03
CA LEU A 27 -4.11 5.75 23.55
C LEU A 27 -4.44 6.91 24.50
N ILE A 28 -4.31 6.67 25.81
CA ILE A 28 -4.50 7.76 26.77
C ILE A 28 -3.53 8.91 26.46
N LYS A 29 -2.25 8.60 26.28
CA LYS A 29 -1.26 9.64 26.00
C LYS A 29 -1.66 10.48 24.80
N LEU A 30 -2.05 9.84 23.69
CA LEU A 30 -2.46 10.59 22.50
C LEU A 30 -3.66 11.48 22.80
N LEU A 31 -4.68 10.92 23.46
CA LEU A 31 -5.89 11.68 23.74
C LEU A 31 -5.58 12.90 24.58
N LEU A 32 -4.78 12.73 25.63
CA LEU A 32 -4.39 13.87 26.45
C LEU A 32 -3.63 14.89 25.61
N GLU A 33 -2.65 14.42 24.83
CA GLU A 33 -1.91 15.33 23.97
C GLU A 33 -2.85 16.11 23.07
N LYS A 34 -3.92 15.47 22.60
CA LYS A 34 -4.81 16.14 21.67
C LYS A 34 -5.83 17.03 22.37
N GLY A 35 -5.77 17.13 23.69
CA GLY A 35 -6.63 18.04 24.41
C GLY A 35 -7.93 17.43 24.90
N TYR A 36 -8.04 16.11 24.89
CA TYR A 36 -9.22 15.47 25.45
C TYR A 36 -9.13 15.43 26.96
N ALA A 37 -10.29 15.45 27.60
CA ALA A 37 -10.38 14.93 28.95
C ALA A 37 -10.52 13.43 28.83
N VAL A 38 -9.86 12.69 29.71
CA VAL A 38 -9.81 11.25 29.55
C VAL A 38 -10.23 10.58 30.84
N LYS A 39 -10.95 9.48 30.71
CA LYS A 39 -11.33 8.62 31.81
C LYS A 39 -10.90 7.21 31.46
N THR A 40 -10.30 6.50 32.41
CA THR A 40 -9.79 5.18 32.09
C THR A 40 -10.13 4.20 33.21
N THR A 41 -10.22 2.92 32.84
CA THR A 41 -10.46 1.85 33.79
C THR A 41 -9.25 0.93 33.92
N VAL A 42 -9.00 0.50 35.16
CA VAL A 42 -8.06 -0.55 35.49
C VAL A 42 -8.74 -1.43 36.53
N ARG A 43 -8.26 -2.65 36.67
CA ARG A 43 -8.89 -3.56 37.63
C ARG A 43 -8.58 -3.17 39.07
N ASN A 44 -7.38 -2.67 39.32
CA ASN A 44 -6.96 -2.33 40.68
C ASN A 44 -6.18 -1.03 40.66
N PRO A 45 -6.85 0.11 40.83
CA PRO A 45 -6.15 1.41 40.72
C PRO A 45 -5.02 1.58 41.72
N ASP A 46 -4.90 0.72 42.72
CA ASP A 46 -3.85 0.84 43.72
C ASP A 46 -2.59 0.09 43.36
N ASP A 47 -2.68 -0.94 42.52
CA ASP A 47 -1.50 -1.65 42.04
C ASP A 47 -0.57 -0.72 41.26
N MET A 48 0.44 -0.14 41.93
CA MET A 48 1.37 0.76 41.26
C MET A 48 2.40 0.00 40.43
N GLU A 49 2.65 -1.27 40.74
CA GLU A 49 3.42 -2.11 39.84
C GLU A 49 2.92 -1.97 38.41
N LYS A 50 1.60 -2.05 38.24
CA LYS A 50 0.98 -2.01 36.92
C LYS A 50 0.60 -0.60 36.49
N ASN A 51 0.34 0.30 37.44
CA ASN A 51 -0.32 1.55 37.09
C ASN A 51 0.48 2.80 37.42
N SER A 52 1.78 2.68 37.67
CA SER A 52 2.57 3.87 37.99
C SER A 52 2.56 4.90 36.88
N HIS A 53 2.26 4.50 35.64
CA HIS A 53 2.25 5.45 34.54
C HIS A 53 1.07 6.40 34.60
N LEU A 54 -0.02 5.99 35.23
CA LEU A 54 -1.21 6.84 35.27
C LEU A 54 -0.90 8.17 35.95
N LYS A 55 -0.09 8.12 37.01
CA LYS A 55 0.32 9.34 37.70
C LYS A 55 1.11 10.24 36.77
N ASP A 56 2.09 9.68 36.06
CA ASP A 56 2.85 10.48 35.09
C ASP A 56 1.91 11.09 34.04
N LEU A 57 0.99 10.29 33.52
CA LEU A 57 0.14 10.77 32.43
C LEU A 57 -0.77 11.89 32.89
N GLN A 58 -1.17 11.89 34.18
CA GLN A 58 -2.01 12.97 34.68
C GLN A 58 -1.36 14.34 34.48
N LYS A 59 -0.03 14.39 34.35
CA LYS A 59 0.62 15.67 34.12
C LYS A 59 0.29 16.25 32.75
N LEU A 60 -0.14 15.41 31.80
CA LEU A 60 -0.42 15.88 30.45
C LEU A 60 -1.79 16.53 30.32
N GLY A 61 -2.71 16.25 31.22
CA GLY A 61 -4.05 16.76 31.06
C GLY A 61 -5.01 16.07 31.99
N PRO A 62 -6.30 16.37 31.86
CA PRO A 62 -7.30 15.82 32.77
C PRO A 62 -7.50 14.33 32.58
N LEU A 63 -6.99 13.52 33.50
CA LEU A 63 -7.09 12.06 33.42
C LEU A 63 -7.62 11.53 34.74
N THR A 64 -8.70 10.75 34.69
CA THR A 64 -9.31 10.19 35.89
C THR A 64 -9.31 8.68 35.80
N VAL A 65 -9.00 8.01 36.92
CA VAL A 65 -8.89 6.55 36.95
C VAL A 65 -10.11 5.96 37.64
N PHE A 66 -10.57 4.80 37.17
CA PHE A 66 -11.74 4.13 37.71
C PHE A 66 -11.45 2.65 37.85
N ARG A 67 -12.04 2.02 38.86
CA ARG A 67 -11.99 0.58 38.97
C ARG A 67 -13.16 -0.02 38.20
N ALA A 68 -12.85 -0.95 37.30
CA ALA A 68 -13.89 -1.68 36.58
C ALA A 68 -13.31 -3.00 36.09
N ASP A 69 -14.21 -3.95 35.85
CA ASP A 69 -13.85 -5.30 35.41
C ASP A 69 -14.89 -5.79 34.41
N MET A 70 -14.44 -6.27 33.26
CA MET A 70 -15.38 -6.69 32.22
C MET A 70 -16.24 -7.85 32.69
N ASP A 71 -15.75 -8.65 33.63
CA ASP A 71 -16.53 -9.75 34.19
C ASP A 71 -17.61 -9.27 35.16
N GLU A 72 -17.61 -8.00 35.53
CA GLU A 72 -18.42 -7.45 36.60
C GLU A 72 -19.43 -6.48 35.99
N GLU A 73 -20.68 -6.92 35.90
CA GLU A 73 -21.70 -6.19 35.17
C GLU A 73 -21.91 -4.79 35.73
N GLY A 74 -21.97 -3.80 34.84
CA GLY A 74 -22.18 -2.41 35.22
C GLY A 74 -21.00 -1.67 35.82
N SER A 75 -19.86 -2.33 36.04
CA SER A 75 -18.75 -1.62 36.69
C SER A 75 -18.20 -0.46 35.84
N PHE A 76 -18.44 -0.47 34.52
CA PHE A 76 -17.95 0.60 33.64
C PHE A 76 -18.86 1.82 33.60
N ASP A 77 -19.97 1.82 34.35
CA ASP A 77 -20.93 2.92 34.25
C ASP A 77 -20.29 4.27 34.54
N ASP A 78 -19.48 4.36 35.59
CA ASP A 78 -18.96 5.66 36.00
C ASP A 78 -17.89 6.15 35.04
N ALA A 79 -17.02 5.25 34.57
CA ALA A 79 -15.94 5.64 33.66
C ALA A 79 -16.50 6.17 32.34
N VAL A 80 -17.60 5.59 31.85
CA VAL A 80 -18.14 5.97 30.56
C VAL A 80 -19.08 7.17 30.63
N ALA A 81 -19.66 7.46 31.79
CA ALA A 81 -20.53 8.63 31.94
C ALA A 81 -19.86 9.89 31.41
N GLY A 82 -20.63 10.70 30.69
CA GLY A 82 -20.17 11.97 30.19
C GLY A 82 -19.26 11.90 28.99
N CYS A 83 -18.91 10.70 28.53
CA CYS A 83 -17.93 10.59 27.46
C CYS A 83 -18.57 10.81 26.10
N ASP A 84 -17.88 11.60 25.27
CA ASP A 84 -18.22 11.68 23.86
C ASP A 84 -17.84 10.42 23.11
N TYR A 85 -16.71 9.80 23.49
CA TYR A 85 -16.18 8.64 22.77
C TYR A 85 -15.69 7.61 23.77
N VAL A 86 -15.84 6.34 23.40
CA VAL A 86 -15.39 5.23 24.23
C VAL A 86 -14.50 4.33 23.39
N PHE A 87 -13.29 4.06 23.88
CA PHE A 87 -12.34 3.20 23.20
C PHE A 87 -12.25 1.87 23.94
N LEU A 88 -12.91 0.84 23.39
CA LEU A 88 -12.91 -0.51 23.93
C LEU A 88 -11.61 -1.17 23.50
N VAL A 89 -10.64 -1.11 24.38
CA VAL A 89 -9.33 -1.69 24.16
C VAL A 89 -9.12 -2.93 24.99
N ALA A 90 -9.52 -2.88 26.27
CA ALA A 90 -9.29 -3.99 27.17
C ALA A 90 -9.89 -5.27 26.61
N ALA A 91 -9.18 -6.38 26.81
CA ALA A 91 -9.62 -7.67 26.29
C ALA A 91 -8.96 -8.77 27.09
N PRO A 92 -9.64 -9.90 27.33
CA PRO A 92 -9.00 -11.01 28.05
C PRO A 92 -7.86 -11.65 27.26
N LEU A 93 -6.74 -11.88 27.96
CA LEU A 93 -5.61 -12.62 27.40
C LEU A 93 -6.05 -14.02 26.96
N HIS A 94 -5.26 -14.61 26.05
CA HIS A 94 -5.55 -15.95 25.55
C HIS A 94 -4.57 -16.95 26.14
N PHE A 95 -5.10 -17.90 26.90
CA PHE A 95 -4.36 -19.04 27.42
C PHE A 95 -5.03 -20.32 26.92
N GLU A 96 -4.37 -21.45 27.15
CA GLU A 96 -5.07 -22.71 27.02
C GLU A 96 -6.16 -22.78 28.08
N ALA A 97 -7.25 -23.46 27.75
CA ALA A 97 -8.32 -23.63 28.72
C ALA A 97 -8.98 -24.97 28.44
N GLN A 98 -9.24 -25.74 29.49
CA GLN A 98 -9.98 -26.98 29.28
C GLN A 98 -11.19 -26.73 28.38
N ASP A 99 -11.89 -25.63 28.63
CA ASP A 99 -13.09 -25.25 27.89
C ASP A 99 -12.95 -23.79 27.44
N PRO A 100 -12.25 -23.53 26.33
CA PRO A 100 -12.16 -22.14 25.84
C PRO A 100 -13.51 -21.51 25.62
N GLU A 101 -14.52 -22.31 25.27
CA GLU A 101 -15.82 -21.73 24.99
C GLU A 101 -16.39 -21.01 26.21
N LYS A 102 -16.14 -21.55 27.40
CA LYS A 102 -16.66 -20.95 28.62
C LYS A 102 -15.64 -20.10 29.35
N GLU A 103 -14.35 -20.38 29.18
CA GLU A 103 -13.34 -19.58 29.85
C GLU A 103 -12.89 -18.38 29.02
N GLN A 104 -12.98 -18.44 27.69
CA GLN A 104 -12.46 -17.39 26.83
C GLN A 104 -13.52 -16.78 25.92
N ILE A 105 -14.28 -17.60 25.20
CA ILE A 105 -15.14 -17.08 24.14
C ILE A 105 -16.34 -16.35 24.73
N GLU A 106 -17.14 -17.05 25.54
CA GLU A 106 -18.34 -16.42 26.10
C GLU A 106 -18.01 -15.24 26.99
N PRO A 107 -17.05 -15.32 27.90
CA PRO A 107 -16.61 -14.11 28.62
C PRO A 107 -16.19 -12.96 27.71
N ALA A 108 -15.45 -13.22 26.63
CA ALA A 108 -15.06 -12.14 25.76
C ALA A 108 -16.29 -11.43 25.20
N ILE A 109 -17.24 -12.22 24.72
CA ILE A 109 -18.50 -11.67 24.22
C ILE A 109 -19.22 -10.87 25.31
N GLN A 110 -19.39 -11.47 26.50
CA GLN A 110 -20.20 -10.82 27.54
C GLN A 110 -19.50 -9.60 28.11
N GLY A 111 -18.19 -9.68 28.30
CA GLY A 111 -17.47 -8.50 28.75
C GLY A 111 -17.64 -7.32 27.82
N THR A 112 -17.62 -7.57 26.50
CA THR A 112 -17.82 -6.48 25.55
C THR A 112 -19.22 -5.89 25.68
N LEU A 113 -20.24 -6.76 25.65
CA LEU A 113 -21.62 -6.29 25.82
C LEU A 113 -21.79 -5.55 27.14
N ASN A 114 -21.11 -6.03 28.19
CA ASN A 114 -21.13 -5.32 29.46
C ASN A 114 -20.73 -3.86 29.27
N THR A 115 -19.56 -3.61 28.67
CA THR A 115 -19.14 -2.22 28.46
C THR A 115 -20.08 -1.48 27.51
N MET A 116 -20.57 -2.15 26.47
CA MET A 116 -21.51 -1.53 25.54
C MET A 116 -22.73 -0.97 26.29
N ARG A 117 -23.26 -1.74 27.25
CA ARG A 117 -24.46 -1.30 27.97
C ARG A 117 -24.18 -0.03 28.76
N SER A 118 -23.01 0.08 29.40
CA SER A 118 -22.68 1.32 30.08
C SER A 118 -22.70 2.52 29.12
N CYS A 119 -22.33 2.29 27.86
CA CYS A 119 -22.39 3.38 26.87
C CYS A 119 -23.82 3.80 26.61
N VAL A 120 -24.73 2.85 26.47
CA VAL A 120 -26.14 3.20 26.31
C VAL A 120 -26.61 3.98 27.51
N LYS A 121 -26.32 3.48 28.72
CA LYS A 121 -26.72 4.15 29.95
C LYS A 121 -26.25 5.60 29.97
N ALA A 122 -25.00 5.86 29.55
CA ALA A 122 -24.46 7.21 29.63
C ALA A 122 -25.22 8.20 28.74
N GLY A 123 -25.74 7.75 27.61
CA GLY A 123 -26.44 8.64 26.70
C GLY A 123 -25.61 9.70 26.00
N THR A 124 -24.36 9.92 26.41
CA THR A 124 -23.51 10.95 25.81
C THR A 124 -22.65 10.43 24.66
N VAL A 125 -22.60 9.12 24.45
CA VAL A 125 -21.54 8.51 23.67
C VAL A 125 -21.85 8.62 22.18
N ARG A 126 -21.10 9.50 21.48
CA ARG A 126 -21.31 9.67 20.05
C ARG A 126 -20.68 8.55 19.23
N ARG A 127 -19.69 7.83 19.76
CA ARG A 127 -19.15 6.72 18.98
C ARG A 127 -18.31 5.82 19.87
N VAL A 128 -18.42 4.52 19.63
CA VAL A 128 -17.60 3.53 20.27
C VAL A 128 -16.59 3.06 19.23
N ILE A 129 -15.31 3.00 19.63
CA ILE A 129 -14.25 2.45 18.80
C ILE A 129 -13.78 1.16 19.46
N LEU A 130 -13.98 0.04 18.77
CA LEU A 130 -13.57 -1.26 19.31
C LEU A 130 -12.21 -1.64 18.72
N THR A 131 -11.27 -1.96 19.59
CA THR A 131 -9.99 -2.48 19.13
C THR A 131 -10.10 -4.00 19.02
N SER A 132 -10.20 -4.51 17.80
CA SER A 132 -10.18 -5.95 17.54
C SER A 132 -8.80 -6.33 16.99
N SER A 133 -8.71 -7.11 15.92
CA SER A 133 -7.42 -7.66 15.49
C SER A 133 -7.61 -8.33 14.14
N VAL A 134 -6.54 -8.40 13.35
CA VAL A 134 -6.61 -9.15 12.10
C VAL A 134 -6.78 -10.65 12.35
N ALA A 135 -6.69 -11.09 13.61
CA ALA A 135 -7.10 -12.45 13.95
C ALA A 135 -8.56 -12.71 13.58
N ALA A 136 -9.38 -11.66 13.48
CA ALA A 136 -10.74 -11.85 13.05
C ALA A 136 -10.89 -11.67 11.55
N VAL A 137 -9.78 -11.55 10.81
CA VAL A 137 -9.81 -11.30 9.38
C VAL A 137 -9.22 -12.47 8.60
N TYR A 138 -8.11 -13.01 9.07
CA TYR A 138 -7.20 -13.71 8.19
C TYR A 138 -7.54 -15.17 8.00
N PHE A 139 -8.26 -15.79 8.94
CA PHE A 139 -8.34 -17.25 8.90
C PHE A 139 -9.39 -17.66 7.88
N ARG A 140 -8.93 -17.83 6.64
CA ARG A 140 -9.77 -18.13 5.50
C ARG A 140 -9.28 -19.43 4.91
N PRO A 141 -9.73 -20.57 5.46
CA PRO A 141 -9.16 -21.85 5.02
C PRO A 141 -9.53 -22.19 3.58
N ASP A 142 -10.60 -21.59 3.02
CA ASP A 142 -10.84 -21.70 1.57
C ASP A 142 -9.77 -21.04 0.73
N LEU A 143 -8.80 -20.32 1.35
CA LEU A 143 -7.79 -19.52 0.64
C LEU A 143 -6.37 -19.82 1.06
N LEU A 144 -6.15 -20.11 2.34
CA LEU A 144 -4.80 -20.31 2.85
C LEU A 144 -4.11 -21.52 2.25
N GLY A 145 -4.85 -22.45 1.65
CA GLY A 145 -4.21 -23.64 1.13
C GLY A 145 -4.15 -23.72 -0.38
N ASP A 146 -4.72 -22.73 -1.07
CA ASP A 146 -4.97 -22.89 -2.49
C ASP A 146 -3.77 -22.54 -3.35
N GLY A 147 -2.65 -22.15 -2.77
CA GLY A 147 -1.47 -21.87 -3.54
C GLY A 147 -1.45 -20.56 -4.31
N HIS A 148 -2.56 -19.81 -4.34
CA HIS A 148 -2.53 -18.47 -4.91
C HIS A 148 -2.30 -17.41 -3.81
N GLY A 149 -1.92 -16.22 -4.25
CA GLY A 149 -1.90 -15.09 -3.36
C GLY A 149 -3.28 -14.48 -3.20
N HIS A 150 -3.50 -13.78 -2.09
CA HIS A 150 -4.76 -13.12 -1.84
C HIS A 150 -4.48 -11.81 -1.14
N VAL A 151 -5.27 -10.78 -1.46
CA VAL A 151 -5.34 -9.55 -0.67
C VAL A 151 -6.63 -9.61 0.12
N LEU A 152 -6.55 -9.80 1.43
CA LEU A 152 -7.73 -9.82 2.27
C LEU A 152 -8.14 -8.41 2.65
N ASP A 153 -9.43 -8.16 2.72
CA ASP A 153 -9.88 -6.84 3.15
C ASP A 153 -10.92 -6.95 4.24
N GLU A 154 -11.60 -5.83 4.53
CA GLU A 154 -12.55 -5.79 5.62
C GLU A 154 -13.76 -6.69 5.39
N ASP A 155 -13.96 -7.20 4.17
CA ASP A 155 -15.06 -8.14 3.98
C ASP A 155 -14.70 -9.55 4.40
N SER A 156 -13.43 -9.80 4.70
CA SER A 156 -12.97 -11.12 5.09
C SER A 156 -13.15 -11.33 6.59
N TRP A 157 -13.74 -12.46 6.97
CA TRP A 157 -13.91 -12.83 8.37
C TRP A 157 -13.29 -14.19 8.62
N SER A 158 -12.60 -14.34 9.75
CA SER A 158 -12.06 -15.63 10.10
C SER A 158 -13.18 -16.66 10.29
N ASP A 159 -12.92 -17.90 9.87
CA ASP A 159 -13.93 -18.94 9.73
C ASP A 159 -14.23 -19.61 11.07
N VAL A 160 -15.23 -19.07 11.78
CA VAL A 160 -15.59 -19.55 13.11
C VAL A 160 -15.97 -21.04 13.07
N ASP A 161 -16.81 -21.43 12.11
CA ASP A 161 -17.22 -22.83 12.05
C ASP A 161 -16.00 -23.74 11.85
N PHE A 162 -15.16 -23.42 10.86
CA PHE A 162 -13.98 -24.26 10.65
C PHE A 162 -13.08 -24.28 11.88
N LEU A 163 -12.97 -23.16 12.60
CA LEU A 163 -12.10 -23.15 13.78
C LEU A 163 -12.67 -24.03 14.89
N ARG A 164 -13.99 -24.00 15.10
CA ARG A 164 -14.57 -24.87 16.13
C ARG A 164 -14.44 -26.33 15.74
N ALA A 165 -14.60 -26.63 14.45
CA ALA A 165 -14.51 -28.00 13.97
C ALA A 165 -13.13 -28.59 14.24
N HIS A 166 -12.07 -27.90 13.80
CA HIS A 166 -10.74 -28.48 13.82
C HIS A 166 -9.88 -28.00 14.98
N LYS A 167 -10.28 -26.92 15.63
CA LYS A 167 -9.62 -26.43 16.84
C LYS A 167 -8.10 -26.47 16.72
N PRO A 168 -7.50 -25.85 15.71
CA PRO A 168 -6.04 -25.74 15.70
C PRO A 168 -5.59 -24.95 16.90
N PRO A 169 -4.30 -24.99 17.24
CA PRO A 169 -3.81 -24.21 18.39
C PRO A 169 -4.19 -22.73 18.31
N THR A 170 -4.77 -22.24 19.41
CA THR A 170 -5.21 -20.85 19.61
C THR A 170 -6.47 -20.49 18.81
N TRP A 171 -7.25 -21.49 18.39
CA TRP A 171 -8.46 -21.22 17.63
C TRP A 171 -9.44 -20.33 18.39
N SER A 172 -9.45 -20.42 19.72
CA SER A 172 -10.46 -19.69 20.48
C SER A 172 -10.18 -18.19 20.46
N HIS A 173 -8.95 -17.81 20.16
CA HIS A 173 -8.63 -16.40 20.03
C HIS A 173 -9.38 -15.79 18.83
N CYS A 174 -9.19 -16.36 17.63
CA CYS A 174 -9.86 -15.80 16.46
C CYS A 174 -11.38 -15.84 16.63
N VAL A 175 -11.90 -16.94 17.21
CA VAL A 175 -13.35 -17.03 17.41
C VAL A 175 -13.83 -15.95 18.36
N SER A 176 -13.13 -15.80 19.49
CA SER A 176 -13.48 -14.75 20.43
C SER A 176 -13.56 -13.40 19.73
N LYS A 177 -12.53 -13.06 18.96
CA LYS A 177 -12.52 -11.76 18.29
C LYS A 177 -13.67 -11.63 17.32
N VAL A 178 -13.92 -12.66 16.52
CA VAL A 178 -14.97 -12.58 15.51
C VAL A 178 -16.33 -12.42 16.19
N LEU A 179 -16.62 -13.28 17.17
CA LEU A 179 -17.94 -13.27 17.79
C LEU A 179 -18.19 -11.99 18.60
N LEU A 180 -17.21 -11.53 19.36
CA LEU A 180 -17.45 -10.29 20.11
C LEU A 180 -17.63 -9.10 19.19
N GLU A 181 -16.94 -9.07 18.04
CA GLU A 181 -17.18 -8.00 17.09
C GLU A 181 -18.59 -8.10 16.49
N LYS A 182 -18.98 -9.28 16.04
CA LYS A 182 -20.32 -9.42 15.49
C LYS A 182 -21.38 -9.06 16.52
N GLU A 183 -21.18 -9.47 17.77
CA GLU A 183 -22.16 -9.17 18.82
C GLU A 183 -22.21 -7.68 19.13
N ALA A 184 -21.05 -7.04 19.26
CA ALA A 184 -21.09 -5.61 19.55
C ALA A 184 -21.77 -4.86 18.42
N GLY A 185 -21.57 -5.30 17.19
CA GLY A 185 -22.21 -4.62 16.08
C GLY A 185 -23.72 -4.76 16.14
N ARG A 186 -24.20 -5.97 16.48
CA ARG A 186 -25.63 -6.17 16.63
C ARG A 186 -26.17 -5.33 17.77
N PHE A 187 -25.49 -5.36 18.92
CA PHE A 187 -25.91 -4.52 20.03
C PHE A 187 -25.96 -3.07 19.60
N ALA A 188 -24.90 -2.56 18.97
CA ALA A 188 -24.87 -1.15 18.63
C ALA A 188 -26.05 -0.79 17.72
N GLU A 189 -26.30 -1.63 16.71
CA GLU A 189 -27.43 -1.40 15.80
C GLU A 189 -28.75 -1.34 16.59
N GLU A 190 -28.98 -2.30 17.48
CA GLU A 190 -30.24 -2.36 18.20
C GLU A 190 -30.46 -1.12 19.04
N HIS A 191 -29.42 -0.57 19.64
CA HIS A 191 -29.56 0.58 20.51
C HIS A 191 -29.17 1.90 19.86
N GLY A 192 -29.11 1.95 18.54
CA GLY A 192 -28.81 3.20 17.85
C GLY A 192 -27.50 3.89 18.23
N ILE A 193 -26.50 3.13 18.65
CA ILE A 193 -25.18 3.69 18.97
C ILE A 193 -24.20 3.37 17.85
N SER A 194 -23.40 4.36 17.44
CA SER A 194 -22.43 4.20 16.36
C SER A 194 -21.20 3.42 16.85
N LEU A 195 -20.86 2.35 16.13
CA LEU A 195 -19.70 1.54 16.49
C LEU A 195 -18.81 1.40 15.26
N VAL A 196 -17.51 1.64 15.45
CA VAL A 196 -16.51 1.40 14.44
C VAL A 196 -15.44 0.50 15.03
N THR A 197 -14.90 -0.41 14.22
CA THR A 197 -13.93 -1.40 14.69
C THR A 197 -12.64 -1.28 13.90
N ILE A 198 -11.52 -1.37 14.62
CA ILE A 198 -10.20 -1.31 14.01
C ILE A 198 -9.52 -2.65 14.22
N LEU A 199 -8.78 -3.10 13.21
CA LEU A 199 -8.20 -4.44 13.20
C LEU A 199 -6.69 -4.33 12.98
N PRO A 200 -5.92 -4.15 14.05
CA PRO A 200 -4.45 -4.06 13.94
C PRO A 200 -3.80 -5.37 13.55
N VAL A 201 -2.67 -5.25 12.86
CA VAL A 201 -1.70 -6.34 12.74
C VAL A 201 -0.78 -6.31 13.96
N ILE A 202 0.44 -6.89 13.86
CA ILE A 202 1.37 -6.82 14.98
C ILE A 202 1.76 -5.38 15.24
N VAL A 203 1.70 -4.97 16.50
CA VAL A 203 1.85 -3.58 16.91
C VAL A 203 3.23 -3.37 17.52
N VAL A 204 3.95 -2.37 17.03
CA VAL A 204 5.34 -2.10 17.41
C VAL A 204 5.45 -0.67 17.95
N GLY A 205 6.19 -0.51 19.03
CA GLY A 205 6.50 0.81 19.55
C GLY A 205 6.40 0.89 21.07
N ALA A 206 6.95 1.98 21.61
CA ALA A 206 6.95 2.25 23.05
C ALA A 206 5.63 2.86 23.49
N ALA A 207 5.29 2.61 24.75
CA ALA A 207 4.05 3.10 25.34
C ALA A 207 4.30 3.39 26.82
N PRO A 208 3.39 4.10 27.47
CA PRO A 208 3.54 4.34 28.92
C PRO A 208 3.47 3.07 29.77
N ALA A 209 2.77 2.04 29.34
CA ALA A 209 2.51 0.92 30.23
C ALA A 209 3.82 0.37 30.78
N PRO A 210 3.97 0.26 32.10
CA PRO A 210 5.23 -0.24 32.66
C PRO A 210 5.31 -1.75 32.75
N LYS A 211 4.20 -2.46 32.58
CA LYS A 211 4.21 -3.91 32.67
C LYS A 211 3.71 -4.60 31.40
N ALA A 212 3.75 -3.90 30.27
CA ALA A 212 3.28 -4.48 29.02
C ALA A 212 4.12 -5.71 28.66
N ARG A 213 3.44 -6.71 28.09
CA ARG A 213 4.09 -7.87 27.48
C ARG A 213 3.60 -7.97 26.04
N SER A 214 2.51 -8.71 25.82
CA SER A 214 1.80 -8.68 24.54
C SER A 214 2.74 -8.75 23.33
N SER A 215 2.41 -7.99 22.29
CA SER A 215 3.20 -8.02 21.06
C SER A 215 4.59 -7.44 21.24
N ILE A 216 4.81 -6.63 22.27
CA ILE A 216 6.18 -6.21 22.51
C ILE A 216 7.07 -7.43 22.62
N VAL A 217 6.58 -8.52 23.20
CA VAL A 217 7.39 -9.72 23.28
C VAL A 217 7.61 -10.29 21.88
N ASP A 218 6.60 -10.21 21.02
CA ASP A 218 6.68 -10.85 19.71
C ASP A 218 7.61 -10.08 18.78
N CYS A 219 7.34 -8.80 18.57
CA CYS A 219 8.10 -8.02 17.60
C CYS A 219 9.58 -7.96 17.99
N LEU A 220 9.91 -8.22 19.25
CA LEU A 220 11.27 -8.22 19.76
C LEU A 220 11.86 -9.61 19.87
N SER A 221 11.15 -10.65 19.41
CA SER A 221 11.54 -12.01 19.74
C SER A 221 12.80 -12.43 19.00
N MET A 222 13.10 -11.84 17.84
CA MET A 222 14.42 -12.14 17.27
C MET A 222 15.55 -11.59 18.13
N LEU A 223 15.31 -10.52 18.90
CA LEU A 223 16.40 -9.95 19.68
C LEU A 223 16.55 -10.68 21.01
N SER A 224 15.44 -10.99 21.66
CA SER A 224 15.45 -11.73 22.92
C SER A 224 15.57 -13.24 22.73
N GLY A 225 15.18 -13.78 21.58
CA GLY A 225 15.16 -15.23 21.43
C GLY A 225 14.01 -15.94 22.12
N ASP A 226 12.99 -15.19 22.52
CA ASP A 226 11.81 -15.76 23.17
C ASP A 226 11.14 -16.78 22.25
N GLU A 227 11.08 -18.04 22.70
CA GLU A 227 10.58 -19.13 21.85
C GLU A 227 9.13 -18.91 21.44
N ALA A 228 8.27 -18.49 22.35
CA ALA A 228 6.88 -18.28 21.96
C ALA A 228 6.80 -17.24 20.87
N GLY A 229 7.44 -16.09 21.07
CA GLY A 229 7.36 -15.02 20.10
C GLY A 229 7.88 -15.44 18.73
N LEU A 230 8.98 -16.18 18.72
CA LEU A 230 9.55 -16.65 17.46
C LEU A 230 8.62 -17.63 16.77
N ALA A 231 8.01 -18.54 17.54
CA ALA A 231 7.04 -19.47 16.97
C ALA A 231 5.84 -18.72 16.41
N MET A 232 5.39 -17.69 17.12
CA MET A 232 4.36 -16.80 16.59
C MET A 232 4.76 -16.22 15.23
N LEU A 233 5.94 -15.59 15.16
CA LEU A 233 6.36 -14.95 13.90
C LEU A 233 6.46 -15.97 12.78
N ARG A 234 7.07 -17.12 13.07
CA ARG A 234 7.22 -18.13 12.02
C ARG A 234 5.86 -18.65 11.57
N ALA A 235 4.95 -18.92 12.51
CA ALA A 235 3.63 -19.41 12.15
C ALA A 235 2.90 -18.44 11.23
N ILE A 236 3.05 -17.14 11.48
CA ILE A 236 2.39 -16.16 10.62
C ILE A 236 3.00 -16.18 9.23
N GLN A 237 4.32 -16.36 9.14
CA GLN A 237 4.95 -16.31 7.84
C GLN A 237 4.65 -17.56 7.02
N LYS A 238 4.69 -18.74 7.66
CA LYS A 238 4.32 -19.96 6.96
C LYS A 238 2.89 -19.89 6.40
N THR A 239 2.00 -19.16 7.09
CA THR A 239 0.62 -19.02 6.62
C THR A 239 0.50 -17.97 5.53
N SER A 240 1.03 -16.78 5.77
CA SER A 240 0.82 -15.66 4.87
C SER A 240 2.02 -15.34 4.00
N GLY A 241 3.18 -15.94 4.24
CA GLY A 241 4.33 -15.63 3.42
C GLY A 241 4.99 -14.31 3.77
N GLU A 242 4.62 -13.73 4.90
CA GLU A 242 5.08 -12.43 5.37
C GLU A 242 4.44 -12.22 6.74
N VAL A 243 4.91 -11.21 7.47
CA VAL A 243 4.21 -10.71 8.64
C VAL A 243 3.72 -9.30 8.29
N GLN A 244 2.88 -8.75 9.17
CA GLN A 244 2.37 -7.40 8.97
C GLN A 244 2.57 -6.61 10.26
N LEU A 245 3.04 -5.38 10.14
CA LEU A 245 3.43 -4.58 11.29
C LEU A 245 2.83 -3.18 11.20
N VAL A 246 2.62 -2.58 12.37
CA VAL A 246 2.17 -1.19 12.43
C VAL A 246 2.71 -0.57 13.73
N HIS A 247 3.03 0.71 13.66
CA HIS A 247 3.50 1.44 14.83
C HIS A 247 2.37 1.79 15.77
N VAL A 248 2.58 1.56 17.07
CA VAL A 248 1.51 1.77 18.04
C VAL A 248 0.93 3.17 17.93
N ASP A 249 1.76 4.15 17.56
CA ASP A 249 1.24 5.51 17.50
C ASP A 249 0.45 5.75 16.23
N ASP A 250 0.74 5.04 15.15
CA ASP A 250 -0.15 5.11 14.02
C ASP A 250 -1.50 4.47 14.36
N LEU A 251 -1.47 3.32 15.05
CA LEU A 251 -2.71 2.70 15.50
C LEU A 251 -3.53 3.66 16.35
N CYS A 252 -2.90 4.28 17.35
CA CYS A 252 -3.65 5.22 18.19
C CYS A 252 -4.20 6.37 17.38
N ARG A 253 -3.41 6.88 16.42
CA ARG A 253 -3.90 7.99 15.61
C ARG A 253 -5.07 7.54 14.72
N ALA A 254 -5.01 6.31 14.19
CA ALA A 254 -6.14 5.81 13.42
C ALA A 254 -7.37 5.63 14.29
N GLU A 255 -7.20 5.17 15.54
CA GLU A 255 -8.35 5.08 16.44
C GLU A 255 -8.99 6.44 16.63
N LEU A 256 -8.18 7.48 16.85
CA LEU A 256 -8.73 8.81 17.03
C LEU A 256 -9.36 9.33 15.75
N PHE A 257 -8.72 9.02 14.62
CA PHE A 257 -9.28 9.37 13.31
C PHE A 257 -10.68 8.79 13.16
N LEU A 258 -10.85 7.51 13.50
CA LEU A 258 -12.14 6.88 13.30
C LEU A 258 -13.17 7.44 14.26
N ALA A 259 -12.78 7.84 15.47
CA ALA A 259 -13.74 8.45 16.37
C ALA A 259 -14.19 9.80 15.86
N GLU A 260 -13.28 10.59 15.28
CA GLU A 260 -13.54 12.00 15.00
C GLU A 260 -14.17 12.23 13.63
N ASN A 261 -14.05 11.31 12.68
CA ASN A 261 -14.52 11.54 11.33
C ASN A 261 -15.91 10.93 11.17
N ALA A 262 -16.91 11.81 11.03
CA ALA A 262 -18.31 11.42 10.98
C ALA A 262 -18.56 10.26 10.04
N THR A 263 -18.02 10.33 8.82
CA THR A 263 -18.38 9.32 7.83
C THR A 263 -17.70 7.98 8.06
N ALA A 264 -16.79 7.86 9.03
CA ALA A 264 -16.20 6.55 9.28
C ALA A 264 -17.29 5.58 9.69
N ASN A 265 -17.23 4.35 9.16
CA ASN A 265 -18.31 3.39 9.33
C ASN A 265 -17.79 1.98 9.12
N GLY A 266 -18.16 1.05 10.00
CA GLY A 266 -17.75 -0.32 9.77
C GLY A 266 -16.45 -0.75 10.46
N ARG A 267 -15.66 -1.58 9.77
CA ARG A 267 -14.42 -2.10 10.33
C ARG A 267 -13.26 -1.71 9.41
N TYR A 268 -12.05 -1.67 9.98
CA TYR A 268 -10.90 -1.06 9.32
C TYR A 268 -9.66 -1.84 9.67
N ILE A 269 -9.00 -2.39 8.66
CA ILE A 269 -7.67 -2.92 8.87
C ILE A 269 -6.69 -1.78 9.16
N CYS A 270 -5.76 -2.02 10.08
CA CYS A 270 -4.72 -1.05 10.42
C CYS A 270 -3.37 -1.74 10.33
N SER A 271 -2.60 -1.42 9.29
CA SER A 271 -1.35 -2.11 9.01
C SER A 271 -0.51 -1.19 8.12
N ARG A 272 0.81 -1.32 8.18
CA ARG A 272 1.62 -0.45 7.33
C ARG A 272 2.78 -1.12 6.61
N TYR A 273 3.54 -2.00 7.26
CA TYR A 273 4.72 -2.62 6.65
C TYR A 273 4.66 -4.14 6.74
N HIS A 274 4.97 -4.81 5.63
CA HIS A 274 4.76 -6.24 5.45
C HIS A 274 6.06 -6.96 5.07
N PRO A 275 7.00 -7.10 5.98
CA PRO A 275 8.26 -7.78 5.64
C PRO A 275 8.16 -9.29 5.76
N THR A 276 9.03 -9.98 5.03
CA THR A 276 9.37 -11.34 5.40
C THR A 276 10.21 -11.36 6.66
N LEU A 277 10.25 -12.52 7.32
CA LEU A 277 11.10 -12.64 8.49
C LEU A 277 12.56 -12.38 8.14
N VAL A 278 13.00 -12.83 6.96
CA VAL A 278 14.39 -12.59 6.63
C VAL A 278 14.65 -11.10 6.38
N GLU A 279 13.69 -10.37 5.81
CA GLU A 279 13.89 -8.93 5.68
C GLU A 279 13.96 -8.28 7.07
N LEU A 280 13.03 -8.65 7.94
CA LEU A 280 12.97 -8.08 9.28
C LEU A 280 14.24 -8.40 10.08
N ALA A 281 14.68 -9.66 10.02
CA ALA A 281 15.86 -10.05 10.79
C ALA A 281 17.13 -9.36 10.28
N THR A 282 17.24 -9.18 8.95
CA THR A 282 18.39 -8.47 8.39
C THR A 282 18.42 -7.02 8.86
N PHE A 283 17.27 -6.36 8.85
CA PHE A 283 17.22 -5.00 9.36
C PHE A 283 17.65 -4.94 10.82
N LEU A 284 17.14 -5.87 11.64
CA LEU A 284 17.42 -5.81 13.07
C LEU A 284 18.88 -6.18 13.36
N ALA A 285 19.44 -7.14 12.62
CA ALA A 285 20.84 -7.49 12.86
C ALA A 285 21.74 -6.30 12.54
N GLN A 286 21.44 -5.57 11.48
CA GLN A 286 22.26 -4.43 11.11
C GLN A 286 22.10 -3.29 12.10
N LYS A 287 20.87 -3.02 12.53
CA LYS A 287 20.67 -1.82 13.34
C LYS A 287 20.98 -2.06 14.81
N TYR A 288 20.82 -3.30 15.29
CA TYR A 288 21.05 -3.65 16.69
C TYR A 288 21.94 -4.88 16.74
N PRO A 289 23.19 -4.74 16.31
CA PRO A 289 24.08 -5.91 16.26
C PRO A 289 24.42 -6.50 17.61
N GLN A 290 24.11 -5.79 18.72
CA GLN A 290 24.47 -6.31 20.02
C GLN A 290 23.73 -7.61 20.36
N TYR A 291 22.58 -7.89 19.74
CA TYR A 291 21.76 -9.04 20.08
C TYR A 291 22.16 -10.32 19.35
N GLY A 292 23.07 -10.25 18.40
CA GLY A 292 23.56 -11.46 17.75
C GLY A 292 22.61 -12.13 16.78
N VAL A 293 21.59 -11.42 16.29
CA VAL A 293 20.67 -12.00 15.30
C VAL A 293 21.47 -12.56 14.13
N LYS A 294 21.08 -13.75 13.66
CA LYS A 294 21.58 -14.31 12.41
C LYS A 294 20.45 -14.37 11.40
N PRO A 295 20.41 -13.49 10.41
CA PRO A 295 19.28 -13.52 9.45
C PRO A 295 19.07 -14.87 8.77
N THR A 296 20.14 -15.64 8.51
CA THR A 296 19.98 -16.95 7.88
C THR A 296 19.11 -17.89 8.71
N ASP A 297 18.96 -17.65 10.01
CA ASP A 297 18.01 -18.41 10.82
C ASP A 297 16.58 -18.25 10.36
N PHE A 298 16.31 -17.34 9.43
CA PHE A 298 14.96 -17.04 9.01
C PHE A 298 14.80 -17.13 7.50
N ASP A 299 15.78 -17.70 6.81
CA ASP A 299 15.60 -18.03 5.39
C ASP A 299 14.42 -18.96 5.22
N ASP A 300 13.72 -18.77 4.11
CA ASP A 300 12.51 -19.53 3.83
C ASP A 300 12.27 -19.41 2.34
N GLU A 301 11.67 -20.45 1.77
CA GLU A 301 11.22 -20.35 0.39
C GLU A 301 10.14 -19.28 0.29
N GLU A 302 10.10 -18.60 -0.86
CA GLU A 302 9.01 -17.69 -1.13
C GLU A 302 7.70 -18.45 -1.20
N ARG A 303 6.71 -18.00 -0.43
CA ARG A 303 5.35 -18.55 -0.47
C ARG A 303 4.40 -17.52 -1.07
N PRO A 304 3.22 -17.95 -1.51
CA PRO A 304 2.25 -16.97 -2.01
C PRO A 304 1.87 -16.05 -0.87
N ARG A 305 1.59 -14.79 -1.20
CA ARG A 305 1.34 -13.76 -0.19
C ARG A 305 -0.14 -13.69 0.11
N VAL A 306 -0.50 -13.90 1.36
CA VAL A 306 -1.85 -13.62 1.85
C VAL A 306 -1.72 -12.41 2.76
N THR A 307 -2.05 -11.25 2.22
CA THR A 307 -1.70 -9.98 2.83
C THR A 307 -2.96 -9.19 3.14
N MET A 308 -2.81 -8.16 3.97
CA MET A 308 -3.90 -7.29 4.39
C MET A 308 -3.98 -6.09 3.46
N SER A 309 -5.21 -5.69 3.11
CA SER A 309 -5.41 -4.46 2.35
C SER A 309 -5.26 -3.22 3.24
N LEU A 310 -4.59 -2.19 2.71
CA LEU A 310 -4.39 -0.93 3.43
C LEU A 310 -5.28 0.17 2.89
N GLU A 311 -6.15 -0.13 1.94
CA GLU A 311 -6.83 0.93 1.23
C GLU A 311 -7.81 1.67 2.12
N LYS A 312 -8.48 0.99 3.05
CA LYS A 312 -9.70 1.60 3.56
C LYS A 312 -9.38 2.87 4.36
N LEU A 313 -8.46 2.78 5.31
CA LEU A 313 -8.10 3.99 6.07
C LEU A 313 -7.55 5.05 5.13
N ILE A 314 -6.74 4.62 4.18
CA ILE A 314 -6.11 5.57 3.27
C ILE A 314 -7.16 6.26 2.41
N ARG A 315 -8.10 5.50 1.85
CA ARG A 315 -9.04 6.15 0.94
C ARG A 315 -9.96 7.11 1.68
N GLU A 316 -10.07 6.96 2.99
CA GLU A 316 -10.89 7.85 3.81
C GLU A 316 -10.11 9.02 4.39
N GLY A 317 -8.83 9.17 4.06
CA GLY A 317 -8.08 10.35 4.46
C GLY A 317 -7.01 10.15 5.51
N PHE A 318 -6.87 8.96 6.07
CA PHE A 318 -5.88 8.78 7.13
C PHE A 318 -4.48 8.69 6.54
N GLU A 319 -3.49 9.16 7.31
CA GLU A 319 -2.10 9.11 6.90
C GLU A 319 -1.26 8.48 7.99
N TYR A 320 -0.51 7.45 7.63
CA TYR A 320 0.48 6.89 8.54
C TYR A 320 1.74 7.75 8.53
N LYS A 321 2.41 7.78 9.68
CA LYS A 321 3.64 8.52 9.83
C LYS A 321 4.88 7.65 9.99
N HIS A 322 4.71 6.39 10.38
CA HIS A 322 5.82 5.44 10.48
C HIS A 322 5.70 4.51 9.28
N ASN A 323 6.42 4.87 8.20
CA ASN A 323 6.20 4.21 6.93
C ASN A 323 7.30 3.24 6.51
N THR A 324 8.52 3.40 7.00
CA THR A 324 9.61 2.48 6.74
C THR A 324 9.71 1.47 7.88
N LEU A 325 10.39 0.36 7.61
CA LEU A 325 10.64 -0.63 8.65
C LEU A 325 11.37 0.02 9.83
N GLU A 326 12.38 0.83 9.51
CA GLU A 326 13.16 1.49 10.55
C GLU A 326 12.30 2.43 11.38
N GLU A 327 11.43 3.20 10.74
CA GLU A 327 10.54 4.08 11.48
C GLU A 327 9.54 3.28 12.33
N ILE A 328 9.10 2.12 11.87
CA ILE A 328 8.21 1.33 12.72
C ILE A 328 8.96 0.83 13.95
N TYR A 329 10.26 0.54 13.82
CA TYR A 329 11.08 0.14 14.96
C TYR A 329 11.82 1.32 15.61
N ASP A 330 11.35 2.57 15.45
CA ASP A 330 12.16 3.70 15.89
C ASP A 330 12.42 3.70 17.40
N ASN A 331 11.53 3.12 18.22
CA ASN A 331 11.70 3.30 19.66
C ASN A 331 11.30 2.09 20.49
N VAL A 332 11.16 0.91 19.89
CA VAL A 332 10.62 -0.24 20.61
C VAL A 332 11.73 -0.97 21.37
N VAL A 333 12.95 -0.94 20.85
CA VAL A 333 14.03 -1.65 21.53
C VAL A 333 14.27 -1.06 22.92
N GLU A 334 14.32 0.26 23.01
CA GLU A 334 14.53 0.88 24.31
C GLU A 334 13.33 0.65 25.23
N TYR A 335 12.12 0.53 24.68
CA TYR A 335 10.97 0.13 25.48
C TYR A 335 11.17 -1.28 26.03
N GLY A 336 11.52 -2.22 25.16
CA GLY A 336 11.76 -3.58 25.62
C GLY A 336 12.85 -3.67 26.66
N LYS A 337 13.90 -2.83 26.51
CA LYS A 337 14.95 -2.81 27.52
C LYS A 337 14.38 -2.32 28.85
N ALA A 338 13.68 -1.20 28.82
CA ALA A 338 13.11 -0.67 30.05
C ALA A 338 12.14 -1.67 30.70
N LEU A 339 11.44 -2.46 29.88
CA LEU A 339 10.47 -3.43 30.40
C LEU A 339 11.13 -4.69 30.98
N GLY A 340 12.40 -4.94 30.69
CA GLY A 340 13.00 -6.23 30.98
C GLY A 340 12.76 -7.29 29.93
N ILE A 341 11.96 -7.01 28.91
CA ILE A 341 11.76 -8.00 27.86
C ILE A 341 13.10 -8.33 27.21
N LEU A 342 13.95 -7.33 27.04
CA LEU A 342 15.32 -7.50 26.57
C LEU A 342 16.26 -7.47 27.77
N PRO A 343 17.20 -8.39 27.88
CA PRO A 343 18.10 -8.39 29.05
C PRO A 343 19.13 -7.25 29.06
N TYR A 344 19.47 -6.66 27.91
CA TYR A 344 20.38 -5.50 27.86
C TYR A 344 20.05 -4.60 26.67
N MET B 11 -21.26 12.80 -26.10
CA MET B 11 -20.13 11.89 -26.32
C MET B 11 -18.78 12.61 -26.43
N LYS B 12 -17.92 12.39 -25.44
CA LYS B 12 -16.64 13.09 -25.39
C LYS B 12 -15.66 12.48 -26.38
N THR B 13 -14.62 13.26 -26.70
CA THR B 13 -13.64 12.89 -27.69
C THR B 13 -12.24 12.99 -27.08
N ALA B 14 -11.44 11.94 -27.27
CA ALA B 14 -10.11 11.87 -26.68
C ALA B 14 -9.08 11.52 -27.75
N CYS B 15 -7.91 12.11 -27.64
CA CYS B 15 -6.77 11.83 -28.49
C CYS B 15 -5.71 11.06 -27.71
N VAL B 16 -5.20 9.98 -28.30
CA VAL B 16 -4.09 9.21 -27.74
C VAL B 16 -2.93 9.34 -28.72
N THR B 17 -1.83 9.95 -28.29
CA THR B 17 -0.67 10.06 -29.18
C THR B 17 0.11 8.74 -29.21
N GLY B 18 0.51 8.35 -30.42
CA GLY B 18 1.29 7.15 -30.65
C GLY B 18 0.48 5.88 -30.49
N GLY B 19 -0.58 5.72 -31.29
CA GLY B 19 -1.41 4.53 -31.22
C GLY B 19 -0.70 3.23 -31.58
N SER B 20 0.49 3.29 -32.18
CA SER B 20 1.23 2.06 -32.48
C SER B 20 1.82 1.42 -31.25
N GLY B 21 1.96 2.18 -30.15
CA GLY B 21 2.73 1.75 -29.02
C GLY B 21 1.97 0.86 -28.04
N TYR B 22 2.73 0.29 -27.12
CA TYR B 22 2.22 -0.65 -26.16
C TYR B 22 1.09 -0.05 -25.33
N ILE B 23 1.43 0.92 -24.49
CA ILE B 23 0.44 1.53 -23.62
C ILE B 23 -0.63 2.26 -24.43
N GLY B 24 -0.21 3.00 -25.46
CA GLY B 24 -1.19 3.72 -26.27
C GLY B 24 -2.28 2.84 -26.81
N SER B 25 -1.91 1.64 -27.29
CA SER B 25 -2.92 0.76 -27.85
C SER B 25 -3.88 0.28 -26.77
N ALA B 26 -3.34 -0.08 -25.60
CA ALA B 26 -4.24 -0.45 -24.50
C ALA B 26 -5.14 0.72 -24.09
N LEU B 27 -4.62 1.95 -24.14
CA LEU B 27 -5.45 3.09 -23.74
C LEU B 27 -6.56 3.33 -24.75
N ILE B 28 -6.23 3.30 -26.05
CA ILE B 28 -7.24 3.47 -27.08
C ILE B 28 -8.38 2.47 -26.89
N LYS B 29 -8.03 1.20 -26.70
CA LYS B 29 -9.06 0.18 -26.47
C LYS B 29 -9.96 0.58 -25.30
N LEU B 30 -9.37 0.89 -24.14
CA LEU B 30 -10.19 1.25 -22.99
C LEU B 30 -11.10 2.43 -23.30
N LEU B 31 -10.57 3.46 -23.97
CA LEU B 31 -11.37 4.63 -24.32
C LEU B 31 -12.58 4.24 -25.16
N LEU B 32 -12.40 3.33 -26.11
CA LEU B 32 -13.53 2.90 -26.94
C LEU B 32 -14.53 2.11 -26.12
N GLU B 33 -14.06 1.23 -25.23
CA GLU B 33 -14.98 0.45 -24.42
C GLU B 33 -15.87 1.36 -23.57
N LYS B 34 -15.37 2.52 -23.19
CA LYS B 34 -16.11 3.46 -22.36
C LYS B 34 -16.93 4.44 -23.20
N GLY B 35 -17.09 4.18 -24.49
CA GLY B 35 -17.93 5.00 -25.34
C GLY B 35 -17.32 6.31 -25.76
N TYR B 36 -16.01 6.47 -25.68
CA TYR B 36 -15.36 7.65 -26.21
C TYR B 36 -15.19 7.51 -27.72
N ALA B 37 -15.20 8.66 -28.40
CA ALA B 37 -14.67 8.75 -29.74
C ALA B 37 -13.18 9.04 -29.62
N VAL B 38 -12.37 8.38 -30.44
CA VAL B 38 -10.93 8.39 -30.24
C VAL B 38 -10.20 8.86 -31.49
N LYS B 39 -9.26 9.77 -31.31
CA LYS B 39 -8.34 10.16 -32.36
C LYS B 39 -6.96 9.70 -31.91
N THR B 40 -6.17 9.18 -32.84
CA THR B 40 -4.85 8.72 -32.50
C THR B 40 -3.89 9.07 -33.61
N THR B 41 -2.62 9.16 -33.26
CA THR B 41 -1.56 9.46 -34.21
C THR B 41 -0.59 8.29 -34.30
N VAL B 42 -0.09 8.07 -35.52
CA VAL B 42 1.03 7.19 -35.81
C VAL B 42 1.93 7.93 -36.81
N ARG B 43 3.14 7.42 -37.02
CA ARG B 43 4.00 8.13 -37.94
C ARG B 43 3.82 7.72 -39.39
N ASN B 44 3.15 6.60 -39.66
CA ASN B 44 2.88 6.18 -41.04
C ASN B 44 1.57 5.42 -41.04
N PRO B 45 0.45 6.12 -41.20
CA PRO B 45 -0.83 5.40 -41.19
C PRO B 45 -0.91 4.31 -42.24
N ASP B 46 -0.06 4.36 -43.27
CA ASP B 46 -0.10 3.34 -44.31
C ASP B 46 0.56 2.04 -43.90
N ASP B 47 1.27 2.00 -42.76
CA ASP B 47 1.99 0.81 -42.31
C ASP B 47 1.02 -0.11 -41.58
N MET B 48 0.32 -0.94 -42.34
CA MET B 48 -0.72 -1.75 -41.70
C MET B 48 -0.16 -3.00 -41.01
N GLU B 49 1.10 -3.36 -41.25
CA GLU B 49 1.74 -4.37 -40.41
C GLU B 49 1.83 -3.91 -38.96
N LYS B 50 2.40 -2.72 -38.74
CA LYS B 50 2.55 -2.17 -37.40
C LYS B 50 1.24 -1.67 -36.82
N ASN B 51 0.25 -1.32 -37.66
CA ASN B 51 -0.97 -0.68 -37.19
C ASN B 51 -2.22 -1.52 -37.45
N SER B 52 -2.08 -2.83 -37.69
CA SER B 52 -3.25 -3.67 -37.92
C SER B 52 -4.25 -3.56 -36.77
N HIS B 53 -3.76 -3.46 -35.54
CA HIS B 53 -4.68 -3.39 -34.42
C HIS B 53 -5.61 -2.18 -34.52
N LEU B 54 -5.16 -1.11 -35.18
CA LEU B 54 -6.00 0.08 -35.27
C LEU B 54 -7.27 -0.19 -36.07
N LYS B 55 -7.23 -1.14 -37.01
CA LYS B 55 -8.42 -1.46 -37.78
C LYS B 55 -9.37 -2.33 -36.94
N ASP B 56 -8.85 -3.38 -36.31
CA ASP B 56 -9.68 -4.16 -35.38
C ASP B 56 -10.41 -3.25 -34.41
N LEU B 57 -9.67 -2.36 -33.74
CA LEU B 57 -10.27 -1.51 -32.70
C LEU B 57 -11.40 -0.64 -33.25
N GLN B 58 -11.38 -0.31 -34.54
CA GLN B 58 -12.47 0.48 -35.10
C GLN B 58 -13.82 -0.20 -34.92
N LYS B 59 -13.83 -1.52 -34.70
CA LYS B 59 -15.07 -2.25 -34.48
C LYS B 59 -15.67 -2.01 -33.11
N LEU B 60 -14.95 -1.34 -32.21
CA LEU B 60 -15.47 -1.05 -30.87
C LEU B 60 -16.11 0.34 -30.77
N GLY B 61 -15.75 1.27 -31.65
CA GLY B 61 -16.24 2.62 -31.57
C GLY B 61 -15.54 3.50 -32.58
N PRO B 62 -15.84 4.80 -32.55
CA PRO B 62 -15.25 5.71 -33.55
C PRO B 62 -13.76 5.90 -33.30
N LEU B 63 -12.95 5.51 -34.28
CA LEU B 63 -11.48 5.59 -34.14
C LEU B 63 -10.89 6.15 -35.42
N THR B 64 -10.21 7.30 -35.31
CA THR B 64 -9.63 8.00 -36.45
C THR B 64 -8.12 8.11 -36.31
N VAL B 65 -7.40 7.81 -37.39
CA VAL B 65 -5.94 7.74 -37.38
C VAL B 65 -5.37 8.96 -38.09
N PHE B 66 -4.33 9.54 -37.50
CA PHE B 66 -3.66 10.67 -38.11
C PHE B 66 -2.17 10.40 -38.15
N ARG B 67 -1.50 11.05 -39.11
CA ARG B 67 -0.06 11.06 -39.18
C ARG B 67 0.43 12.26 -38.38
N ALA B 68 1.37 12.03 -37.46
CA ALA B 68 1.95 13.13 -36.71
C ALA B 68 3.28 12.68 -36.14
N ASP B 69 4.15 13.65 -35.90
CA ASP B 69 5.48 13.38 -35.38
C ASP B 69 5.86 14.49 -34.41
N MET B 70 6.37 14.10 -33.25
CA MET B 70 6.67 15.09 -32.22
C MET B 70 7.74 16.08 -32.66
N ASP B 71 8.64 15.65 -33.56
CA ASP B 71 9.68 16.53 -34.09
C ASP B 71 9.15 17.49 -35.16
N GLU B 72 7.93 17.29 -35.65
CA GLU B 72 7.37 18.09 -36.74
C GLU B 72 6.36 19.07 -36.17
N GLU B 73 6.76 20.34 -36.07
CA GLU B 73 5.91 21.36 -35.45
C GLU B 73 4.52 21.38 -36.07
N GLY B 74 3.51 21.43 -35.20
CA GLY B 74 2.13 21.56 -35.61
C GLY B 74 1.49 20.30 -36.15
N SER B 75 2.25 19.22 -36.36
CA SER B 75 1.69 18.02 -37.00
C SER B 75 0.57 17.37 -36.17
N PHE B 76 0.43 17.70 -34.89
CA PHE B 76 -0.65 17.16 -34.10
C PHE B 76 -1.94 17.99 -34.17
N ASP B 77 -1.94 19.08 -34.92
CA ASP B 77 -3.09 20.00 -34.88
C ASP B 77 -4.39 19.27 -35.16
N ASP B 78 -4.43 18.49 -36.23
CA ASP B 78 -5.68 17.84 -36.61
C ASP B 78 -6.08 16.75 -35.63
N ALA B 79 -5.12 16.04 -35.06
CA ALA B 79 -5.47 14.89 -34.23
C ALA B 79 -6.09 15.35 -32.91
N VAL B 80 -5.63 16.47 -32.36
CA VAL B 80 -6.15 16.92 -31.07
C VAL B 80 -7.37 17.81 -31.24
N ALA B 81 -7.60 18.36 -32.43
CA ALA B 81 -8.74 19.25 -32.64
C ALA B 81 -10.05 18.52 -32.32
N GLY B 82 -10.93 19.22 -31.62
CA GLY B 82 -12.22 18.64 -31.26
C GLY B 82 -12.19 17.73 -30.06
N CYS B 83 -11.06 17.65 -29.36
CA CYS B 83 -10.89 16.66 -28.30
C CYS B 83 -11.15 17.29 -26.94
N ASP B 84 -11.93 16.59 -26.11
CA ASP B 84 -12.05 16.99 -24.72
C ASP B 84 -10.79 16.68 -23.94
N TYR B 85 -10.19 15.50 -24.20
CA TYR B 85 -9.02 15.03 -23.47
C TYR B 85 -7.92 14.64 -24.45
N VAL B 86 -6.68 14.86 -24.04
CA VAL B 86 -5.52 14.47 -24.82
C VAL B 86 -4.56 13.68 -23.94
N PHE B 87 -4.24 12.46 -24.34
CA PHE B 87 -3.30 11.63 -23.60
C PHE B 87 -1.97 11.61 -24.35
N LEU B 88 -0.97 12.30 -23.78
CA LEU B 88 0.37 12.33 -24.36
C LEU B 88 1.08 11.07 -23.90
N VAL B 89 1.02 10.05 -24.74
CA VAL B 89 1.65 8.77 -24.45
C VAL B 89 2.93 8.58 -25.25
N ALA B 90 2.92 9.02 -26.50
CA ALA B 90 4.06 8.82 -27.37
C ALA B 90 5.32 9.44 -26.77
N ALA B 91 6.43 8.70 -26.85
CA ALA B 91 7.73 9.23 -26.42
C ALA B 91 8.87 8.57 -27.16
N PRO B 92 9.97 9.30 -27.42
CA PRO B 92 11.09 8.70 -28.15
C PRO B 92 11.79 7.61 -27.34
N LEU B 93 12.19 6.55 -28.04
CA LEU B 93 12.94 5.48 -27.40
C LEU B 93 14.32 6.00 -26.96
N HIS B 94 14.82 5.44 -25.86
CA HIS B 94 16.11 5.87 -25.34
C HIS B 94 17.26 5.23 -26.10
N PHE B 95 18.38 5.93 -26.14
CA PHE B 95 19.62 5.38 -26.65
C PHE B 95 20.76 6.17 -26.03
N GLU B 96 21.97 5.62 -26.14
CA GLU B 96 23.17 6.33 -25.68
C GLU B 96 23.62 7.22 -26.84
N ALA B 97 23.34 8.52 -26.73
CA ALA B 97 23.69 9.48 -27.76
C ALA B 97 24.99 10.18 -27.42
N GLN B 98 25.71 10.61 -28.45
CA GLN B 98 26.98 11.30 -28.22
C GLN B 98 26.77 12.63 -27.49
N ASP B 99 25.66 13.32 -27.74
CA ASP B 99 25.31 14.54 -27.01
C ASP B 99 23.86 14.47 -26.56
N PRO B 100 23.60 13.85 -25.40
CA PRO B 100 22.20 13.64 -24.98
C PRO B 100 21.42 14.94 -24.82
N GLU B 101 22.09 16.02 -24.41
CA GLU B 101 21.38 17.30 -24.29
C GLU B 101 20.74 17.69 -25.62
N LYS B 102 21.50 17.60 -26.71
CA LYS B 102 21.04 18.07 -28.00
C LYS B 102 20.21 17.02 -28.73
N GLU B 103 20.53 15.74 -28.57
CA GLU B 103 19.82 14.68 -29.28
C GLU B 103 18.63 14.11 -28.53
N GLN B 104 18.51 14.36 -27.22
CA GLN B 104 17.41 13.73 -26.48
C GLN B 104 16.67 14.69 -25.57
N ILE B 105 17.39 15.30 -24.63
CA ILE B 105 16.74 16.13 -23.61
C ILE B 105 15.98 17.27 -24.28
N GLU B 106 16.67 18.07 -25.08
CA GLU B 106 16.02 19.18 -25.77
C GLU B 106 14.91 18.73 -26.71
N PRO B 107 15.10 17.72 -27.57
CA PRO B 107 13.98 17.24 -28.37
C PRO B 107 12.82 16.71 -27.54
N ALA B 108 13.09 16.08 -26.39
CA ALA B 108 11.98 15.63 -25.56
C ALA B 108 11.16 16.81 -25.04
N ILE B 109 11.84 17.86 -24.57
CA ILE B 109 11.14 19.07 -24.16
C ILE B 109 10.38 19.67 -25.34
N GLN B 110 11.09 19.93 -26.45
CA GLN B 110 10.45 20.61 -27.57
C GLN B 110 9.29 19.79 -28.13
N GLY B 111 9.48 18.47 -28.26
CA GLY B 111 8.39 17.64 -28.76
C GLY B 111 7.18 17.67 -27.86
N THR B 112 7.40 17.69 -26.53
CA THR B 112 6.28 17.83 -25.61
C THR B 112 5.57 19.17 -25.82
N LEU B 113 6.33 20.28 -25.77
CA LEU B 113 5.71 21.58 -26.02
C LEU B 113 4.96 21.60 -27.34
N ASN B 114 5.56 21.01 -28.39
CA ASN B 114 4.90 20.94 -29.70
C ASN B 114 3.47 20.43 -29.58
N THR B 115 3.29 19.29 -28.94
CA THR B 115 1.93 18.78 -28.83
C THR B 115 1.11 19.61 -27.85
N MET B 116 1.76 20.25 -26.88
CA MET B 116 1.03 21.14 -25.98
C MET B 116 0.40 22.28 -26.79
N ARG B 117 1.17 22.86 -27.72
CA ARG B 117 0.66 23.95 -28.57
C ARG B 117 -0.57 23.52 -29.34
N SER B 118 -0.55 22.32 -29.94
CA SER B 118 -1.72 21.87 -30.67
C SER B 118 -2.94 21.75 -29.75
N CYS B 119 -2.72 21.48 -28.47
CA CYS B 119 -3.82 21.38 -27.53
C CYS B 119 -4.44 22.75 -27.25
N VAL B 120 -3.60 23.72 -26.90
CA VAL B 120 -4.08 25.09 -26.74
C VAL B 120 -4.81 25.53 -27.99
N LYS B 121 -4.15 25.40 -29.16
CA LYS B 121 -4.74 25.79 -30.42
C LYS B 121 -6.11 25.13 -30.65
N ALA B 122 -6.29 23.90 -30.20
CA ALA B 122 -7.58 23.24 -30.39
C ALA B 122 -8.71 23.94 -29.64
N GLY B 123 -8.39 24.75 -28.63
CA GLY B 123 -9.36 25.53 -27.91
C GLY B 123 -10.42 24.72 -27.18
N THR B 124 -10.31 23.39 -27.22
CA THR B 124 -11.35 22.52 -26.73
C THR B 124 -10.87 21.53 -25.68
N VAL B 125 -9.57 21.48 -25.39
CA VAL B 125 -9.04 20.45 -24.50
C VAL B 125 -9.29 20.85 -23.05
N ARG B 126 -10.07 20.02 -22.35
CA ARG B 126 -10.34 20.26 -20.94
C ARG B 126 -9.20 19.78 -20.05
N ARG B 127 -8.60 18.63 -20.35
CA ARG B 127 -7.44 18.18 -19.59
C ARG B 127 -6.44 17.48 -20.49
N VAL B 128 -5.17 17.78 -20.29
CA VAL B 128 -4.07 17.03 -20.88
C VAL B 128 -3.52 16.09 -19.80
N ILE B 129 -3.48 14.78 -20.10
CA ILE B 129 -2.84 13.78 -19.25
C ILE B 129 -1.51 13.40 -19.88
N LEU B 130 -0.42 13.75 -19.19
CA LEU B 130 0.95 13.43 -19.60
C LEU B 130 1.38 12.11 -18.99
N THR B 131 1.82 11.17 -19.84
CA THR B 131 2.41 9.93 -19.35
C THR B 131 3.91 10.16 -19.22
N SER B 132 4.41 10.14 -18.00
CA SER B 132 5.84 10.20 -17.72
C SER B 132 6.28 8.88 -17.10
N SER B 133 7.05 8.88 -16.02
CA SER B 133 7.64 7.65 -15.51
C SER B 133 8.20 7.92 -14.13
N VAL B 134 8.20 6.90 -13.26
CA VAL B 134 8.96 7.01 -12.02
C VAL B 134 10.42 7.32 -12.26
N ALA B 135 10.88 7.26 -13.51
CA ALA B 135 12.24 7.70 -13.79
C ALA B 135 12.42 9.16 -13.42
N ALA B 136 11.32 9.93 -13.44
CA ALA B 136 11.31 11.32 -13.01
C ALA B 136 11.17 11.48 -11.50
N VAL B 137 11.06 10.39 -10.74
CA VAL B 137 10.80 10.46 -9.31
C VAL B 137 12.00 9.95 -8.50
N TYR B 138 12.58 8.82 -8.90
CA TYR B 138 13.37 8.00 -8.00
C TYR B 138 14.82 8.45 -7.83
N PHE B 139 15.42 9.14 -8.80
CA PHE B 139 16.86 9.35 -8.70
C PHE B 139 17.18 10.45 -7.68
N ARG B 140 17.50 10.03 -6.46
CA ARG B 140 17.75 10.93 -5.34
C ARG B 140 19.10 10.52 -4.73
N PRO B 141 20.18 11.24 -5.01
CA PRO B 141 21.49 10.81 -4.50
C PRO B 141 21.53 10.61 -3.00
N ASP B 142 20.86 11.47 -2.22
CA ASP B 142 20.77 11.28 -0.77
C ASP B 142 20.11 9.94 -0.42
N LEU B 143 18.84 9.78 -0.80
CA LEU B 143 18.11 8.65 -0.27
C LEU B 143 18.64 7.33 -0.82
N LEU B 144 19.17 7.33 -2.04
CA LEU B 144 19.58 6.05 -2.62
C LEU B 144 20.85 5.53 -1.96
N GLY B 145 21.79 6.41 -1.66
CA GLY B 145 23.06 5.93 -1.17
C GLY B 145 23.27 5.94 0.33
N ASP B 146 22.30 6.40 1.13
CA ASP B 146 22.52 6.59 2.56
C ASP B 146 22.32 5.32 3.38
N GLY B 147 21.96 4.20 2.76
CA GLY B 147 21.87 2.96 3.51
C GLY B 147 20.57 2.77 4.26
N HIS B 148 19.64 3.71 4.20
CA HIS B 148 18.36 3.56 4.88
C HIS B 148 17.23 3.29 3.90
N GLY B 149 16.13 2.75 4.43
CA GLY B 149 14.92 2.62 3.64
C GLY B 149 14.24 3.97 3.47
N HIS B 150 13.52 4.12 2.37
CA HIS B 150 12.77 5.34 2.13
C HIS B 150 11.48 5.02 1.40
N VAL B 151 10.51 5.94 1.55
CA VAL B 151 9.26 5.91 0.82
C VAL B 151 9.14 7.22 0.08
N LEU B 152 9.27 7.17 -1.25
CA LEU B 152 9.14 8.35 -2.10
C LEU B 152 7.69 8.54 -2.50
N ASP B 153 7.28 9.80 -2.61
CA ASP B 153 5.97 10.13 -3.14
C ASP B 153 6.16 11.14 -4.26
N GLU B 154 5.07 11.77 -4.65
CA GLU B 154 5.04 12.69 -5.78
C GLU B 154 5.81 14.00 -5.52
N ASP B 155 6.23 14.27 -4.28
CA ASP B 155 7.11 15.41 -4.04
C ASP B 155 8.55 15.14 -4.45
N SER B 156 8.94 13.89 -4.66
CA SER B 156 10.30 13.54 -5.03
C SER B 156 10.50 13.71 -6.54
N TRP B 157 11.56 14.43 -6.93
CA TRP B 157 11.97 14.60 -8.32
C TRP B 157 13.38 14.08 -8.52
N SER B 158 13.60 13.45 -9.65
CA SER B 158 14.95 12.99 -9.96
C SER B 158 15.89 14.19 -10.11
N ASP B 159 17.10 14.02 -9.60
CA ASP B 159 18.04 15.10 -9.37
C ASP B 159 18.80 15.41 -10.66
N VAL B 160 18.28 16.36 -11.45
CA VAL B 160 18.90 16.69 -12.72
C VAL B 160 20.34 17.16 -12.52
N ASP B 161 20.59 18.02 -11.53
CA ASP B 161 21.94 18.55 -11.36
C ASP B 161 22.95 17.45 -11.09
N PHE B 162 22.61 16.54 -10.17
CA PHE B 162 23.52 15.42 -9.94
C PHE B 162 23.68 14.58 -11.20
N LEU B 163 22.64 14.49 -12.02
CA LEU B 163 22.74 13.63 -13.20
C LEU B 163 23.56 14.31 -14.29
N ARG B 164 23.32 15.61 -14.52
CA ARG B 164 24.19 16.38 -15.41
C ARG B 164 25.62 16.41 -14.91
N ALA B 165 25.83 16.44 -13.60
CA ALA B 165 27.19 16.61 -13.10
C ALA B 165 27.99 15.31 -13.20
N HIS B 166 27.37 14.16 -12.87
CA HIS B 166 28.11 12.92 -12.85
C HIS B 166 27.85 12.04 -14.07
N LYS B 167 26.76 12.27 -14.80
CA LYS B 167 26.41 11.52 -16.00
C LYS B 167 26.67 10.02 -15.82
N PRO B 168 25.99 9.36 -14.90
CA PRO B 168 25.99 7.89 -14.91
C PRO B 168 25.32 7.40 -16.17
N PRO B 169 25.52 6.14 -16.55
CA PRO B 169 24.87 5.63 -17.77
C PRO B 169 23.35 5.80 -17.73
N THR B 170 22.79 6.24 -18.86
CA THR B 170 21.34 6.47 -19.00
C THR B 170 20.85 7.63 -18.16
N TRP B 171 21.77 8.51 -17.74
CA TRP B 171 21.39 9.69 -16.97
C TRP B 171 20.42 10.57 -17.74
N SER B 172 20.48 10.55 -19.07
CA SER B 172 19.67 11.48 -19.84
C SER B 172 18.21 11.09 -19.85
N HIS B 173 17.87 9.84 -19.55
CA HIS B 173 16.48 9.44 -19.57
C HIS B 173 15.71 10.11 -18.43
N CYS B 174 16.24 10.03 -17.19
CA CYS B 174 15.60 10.73 -16.07
C CYS B 174 15.55 12.24 -16.30
N VAL B 175 16.63 12.82 -16.83
CA VAL B 175 16.63 14.27 -17.01
C VAL B 175 15.56 14.68 -18.01
N SER B 176 15.39 13.89 -19.08
CA SER B 176 14.40 14.24 -20.07
C SER B 176 12.99 14.21 -19.49
N LYS B 177 12.66 13.17 -18.72
CA LYS B 177 11.33 13.12 -18.11
C LYS B 177 11.12 14.27 -17.13
N VAL B 178 12.12 14.54 -16.27
CA VAL B 178 11.99 15.64 -15.33
C VAL B 178 11.73 16.95 -16.06
N LEU B 179 12.63 17.30 -16.99
CA LEU B 179 12.54 18.61 -17.65
C LEU B 179 11.28 18.74 -18.50
N LEU B 180 10.90 17.68 -19.22
CA LEU B 180 9.73 17.82 -20.07
C LEU B 180 8.46 17.97 -19.23
N GLU B 181 8.38 17.26 -18.10
CA GLU B 181 7.27 17.49 -17.18
C GLU B 181 7.27 18.92 -16.66
N LYS B 182 8.42 19.39 -16.15
CA LYS B 182 8.46 20.76 -15.64
C LYS B 182 8.07 21.75 -16.73
N GLU B 183 8.69 21.62 -17.89
CA GLU B 183 8.41 22.54 -18.99
C GLU B 183 6.95 22.47 -19.41
N ALA B 184 6.37 21.27 -19.49
CA ALA B 184 4.98 21.19 -19.89
C ALA B 184 4.04 21.77 -18.82
N GLY B 185 4.42 21.66 -17.54
CA GLY B 185 3.61 22.29 -16.51
C GLY B 185 3.72 23.80 -16.52
N ARG B 186 4.95 24.32 -16.63
CA ARG B 186 5.15 25.73 -16.85
C ARG B 186 4.26 26.23 -17.98
N PHE B 187 4.30 25.54 -19.12
CA PHE B 187 3.52 25.99 -20.27
C PHE B 187 2.02 25.92 -19.99
N ALA B 188 1.57 24.88 -19.29
CA ALA B 188 0.14 24.74 -19.05
C ALA B 188 -0.35 25.83 -18.10
N GLU B 189 0.46 26.20 -17.11
CA GLU B 189 0.14 27.35 -16.28
C GLU B 189 0.05 28.61 -17.13
N GLU B 190 1.14 28.94 -17.83
CA GLU B 190 1.20 30.17 -18.62
C GLU B 190 0.14 30.23 -19.71
N HIS B 191 -0.49 29.10 -20.05
CA HIS B 191 -1.46 29.08 -21.13
C HIS B 191 -2.87 28.71 -20.65
N GLY B 192 -3.08 28.60 -19.36
CA GLY B 192 -4.41 28.35 -18.86
C GLY B 192 -5.00 27.02 -19.29
N ILE B 193 -4.20 25.95 -19.27
CA ILE B 193 -4.68 24.63 -19.63
C ILE B 193 -4.32 23.64 -18.53
N SER B 194 -5.22 22.71 -18.24
CA SER B 194 -5.11 21.81 -17.11
C SER B 194 -4.26 20.59 -17.48
N LEU B 195 -3.11 20.45 -16.84
CA LEU B 195 -2.20 19.34 -17.10
C LEU B 195 -2.10 18.46 -15.86
N VAL B 196 -2.30 17.14 -16.05
CA VAL B 196 -2.09 16.16 -14.98
C VAL B 196 -1.13 15.09 -15.50
N THR B 197 -0.18 14.68 -14.65
CA THR B 197 0.88 13.76 -15.05
C THR B 197 0.84 12.46 -14.26
N ILE B 198 1.02 11.33 -14.95
CA ILE B 198 1.04 10.01 -14.31
C ILE B 198 2.43 9.41 -14.50
N LEU B 199 2.90 8.72 -13.46
CA LEU B 199 4.28 8.24 -13.36
C LEU B 199 4.26 6.73 -13.13
N PRO B 200 4.18 5.94 -14.20
CA PRO B 200 4.12 4.48 -14.05
C PRO B 200 5.46 3.85 -13.66
N VAL B 201 5.37 2.69 -13.01
CA VAL B 201 6.49 1.78 -12.82
C VAL B 201 6.56 0.83 -14.02
N ILE B 202 7.23 -0.33 -13.89
CA ILE B 202 7.21 -1.31 -14.98
C ILE B 202 5.77 -1.76 -15.24
N VAL B 203 5.36 -1.69 -16.50
CA VAL B 203 3.98 -1.98 -16.91
C VAL B 203 3.90 -3.38 -17.50
N VAL B 204 2.96 -4.19 -17.00
CA VAL B 204 2.81 -5.60 -17.37
C VAL B 204 1.42 -5.81 -17.95
N GLY B 205 1.33 -6.64 -18.98
CA GLY B 205 0.05 -7.18 -19.42
C GLY B 205 -0.17 -7.03 -20.91
N ALA B 206 -1.23 -7.71 -21.38
CA ALA B 206 -1.51 -7.80 -22.80
C ALA B 206 -2.12 -6.51 -23.33
N ALA B 207 -1.86 -6.23 -24.60
CA ALA B 207 -2.35 -5.03 -25.26
C ALA B 207 -2.58 -5.34 -26.72
N PRO B 208 -3.32 -4.47 -27.42
CA PRO B 208 -3.63 -4.73 -28.84
C PRO B 208 -2.45 -4.58 -29.79
N ALA B 209 -1.43 -3.79 -29.45
CA ALA B 209 -0.35 -3.49 -30.39
C ALA B 209 0.38 -4.75 -30.85
N PRO B 210 0.52 -4.98 -32.16
CA PRO B 210 1.17 -6.22 -32.64
C PRO B 210 2.69 -6.17 -32.64
N LYS B 211 3.30 -4.99 -32.54
CA LYS B 211 4.75 -4.85 -32.58
C LYS B 211 5.32 -4.42 -31.23
N ALA B 212 4.52 -4.50 -30.17
CA ALA B 212 4.96 -4.06 -28.86
C ALA B 212 6.24 -4.77 -28.41
N ARG B 213 7.15 -3.99 -27.82
CA ARG B 213 8.32 -4.53 -27.11
C ARG B 213 8.36 -3.89 -25.72
N SER B 214 9.19 -2.88 -25.53
CA SER B 214 9.08 -2.02 -24.37
C SER B 214 9.15 -2.86 -23.09
N SER B 215 8.27 -2.61 -22.13
CA SER B 215 8.43 -3.30 -20.85
C SER B 215 7.96 -4.76 -20.92
N ILE B 216 7.30 -5.17 -22.01
CA ILE B 216 7.02 -6.59 -22.18
C ILE B 216 8.34 -7.36 -22.19
N VAL B 217 9.37 -6.82 -22.85
CA VAL B 217 10.65 -7.51 -22.89
C VAL B 217 11.21 -7.66 -21.47
N ASP B 218 11.16 -6.58 -20.69
CA ASP B 218 11.74 -6.61 -19.35
C ASP B 218 10.97 -7.53 -18.42
N CYS B 219 9.64 -7.42 -18.40
CA CYS B 219 8.93 -8.15 -17.36
C CYS B 219 8.90 -9.64 -17.66
N LEU B 220 9.15 -10.03 -18.90
CA LEU B 220 9.25 -11.42 -19.34
C LEU B 220 10.69 -11.95 -19.38
N SER B 221 11.71 -11.14 -19.04
CA SER B 221 13.08 -11.55 -19.32
C SER B 221 13.54 -12.75 -18.49
N MET B 222 12.93 -12.98 -17.32
CA MET B 222 13.22 -14.20 -16.58
C MET B 222 12.81 -15.43 -17.38
N LEU B 223 11.76 -15.33 -18.18
CA LEU B 223 11.27 -16.46 -18.96
C LEU B 223 11.98 -16.58 -20.29
N SER B 224 12.30 -15.45 -20.90
CA SER B 224 12.96 -15.43 -22.19
C SER B 224 14.48 -15.52 -22.07
N GLY B 225 15.05 -15.07 -20.96
CA GLY B 225 16.49 -14.98 -20.81
C GLY B 225 17.11 -13.74 -21.42
N ASP B 226 16.29 -12.82 -21.93
CA ASP B 226 16.80 -11.61 -22.55
C ASP B 226 17.80 -10.92 -21.61
N GLU B 227 19.02 -10.72 -22.12
CA GLU B 227 20.08 -10.24 -21.25
C GLU B 227 19.84 -8.79 -20.81
N ALA B 228 19.33 -7.94 -21.71
CA ALA B 228 19.10 -6.55 -21.32
C ALA B 228 17.97 -6.44 -20.33
N GLY B 229 16.89 -7.20 -20.53
CA GLY B 229 15.82 -7.20 -19.55
C GLY B 229 16.31 -7.58 -18.17
N LEU B 230 17.08 -8.66 -18.08
CA LEU B 230 17.54 -9.12 -16.78
C LEU B 230 18.43 -8.08 -16.10
N ALA B 231 19.32 -7.46 -16.89
CA ALA B 231 20.14 -6.36 -16.38
C ALA B 231 19.27 -5.23 -15.83
N MET B 232 18.21 -4.86 -16.56
CA MET B 232 17.32 -3.81 -16.07
C MET B 232 16.70 -4.21 -14.72
N LEU B 233 16.17 -5.45 -14.64
CA LEU B 233 15.55 -5.92 -13.40
C LEU B 233 16.54 -5.94 -12.26
N ARG B 234 17.76 -6.41 -12.50
CA ARG B 234 18.75 -6.49 -11.44
C ARG B 234 19.25 -5.10 -11.06
N ALA B 235 19.42 -4.21 -12.03
CA ALA B 235 19.81 -2.84 -11.71
C ALA B 235 18.77 -2.18 -10.80
N ILE B 236 17.48 -2.35 -11.11
CA ILE B 236 16.45 -1.71 -10.29
C ILE B 236 16.47 -2.30 -8.89
N GLN B 237 16.59 -3.63 -8.80
CA GLN B 237 16.61 -4.27 -7.48
C GLN B 237 17.84 -3.84 -6.69
N LYS B 238 19.01 -3.82 -7.35
CA LYS B 238 20.21 -3.33 -6.69
C LYS B 238 20.01 -1.94 -6.11
N THR B 239 19.28 -1.08 -6.82
CA THR B 239 19.08 0.30 -6.39
C THR B 239 18.02 0.40 -5.30
N SER B 240 16.86 -0.24 -5.48
CA SER B 240 15.72 0.01 -4.61
C SER B 240 15.39 -1.13 -3.66
N GLY B 241 16.03 -2.28 -3.78
CA GLY B 241 15.73 -3.39 -2.92
C GLY B 241 14.58 -4.24 -3.39
N GLU B 242 14.03 -3.93 -4.56
CA GLU B 242 12.83 -4.57 -5.09
C GLU B 242 12.55 -3.97 -6.46
N VAL B 243 11.51 -4.42 -7.14
CA VAL B 243 11.00 -3.76 -8.34
C VAL B 243 9.54 -3.41 -8.10
N GLN B 244 8.99 -2.58 -8.97
CA GLN B 244 7.60 -2.19 -8.85
C GLN B 244 6.92 -2.39 -10.19
N LEU B 245 5.72 -2.99 -10.12
CA LEU B 245 4.94 -3.39 -11.28
C LEU B 245 3.54 -2.83 -11.14
N VAL B 246 2.91 -2.63 -12.29
CA VAL B 246 1.51 -2.27 -12.41
C VAL B 246 0.98 -2.93 -13.68
N HIS B 247 -0.26 -3.43 -13.63
CA HIS B 247 -0.89 -4.02 -14.81
C HIS B 247 -1.31 -2.93 -15.80
N VAL B 248 -1.04 -3.15 -17.09
CA VAL B 248 -1.30 -2.13 -18.11
C VAL B 248 -2.74 -1.64 -18.06
N ASP B 249 -3.69 -2.51 -17.75
CA ASP B 249 -5.07 -2.06 -17.74
C ASP B 249 -5.39 -1.22 -16.51
N ASP B 250 -4.64 -1.38 -15.40
CA ASP B 250 -4.82 -0.45 -14.29
C ASP B 250 -4.23 0.92 -14.62
N LEU B 251 -3.06 0.95 -15.28
CA LEU B 251 -2.51 2.24 -15.72
C LEU B 251 -3.50 2.97 -16.62
N CYS B 252 -4.07 2.25 -17.60
CA CYS B 252 -5.02 2.89 -18.50
C CYS B 252 -6.24 3.39 -17.75
N ARG B 253 -6.76 2.59 -16.82
CA ARG B 253 -7.89 3.04 -15.99
C ARG B 253 -7.47 4.24 -15.13
N ALA B 254 -6.24 4.24 -14.62
CA ALA B 254 -5.74 5.39 -13.87
C ALA B 254 -5.67 6.62 -14.75
N GLU B 255 -5.19 6.47 -15.99
CA GLU B 255 -5.16 7.60 -16.91
C GLU B 255 -6.56 8.17 -17.13
N LEU B 256 -7.54 7.30 -17.38
CA LEU B 256 -8.90 7.77 -17.59
C LEU B 256 -9.42 8.48 -16.34
N PHE B 257 -9.15 7.90 -15.17
CA PHE B 257 -9.58 8.48 -13.91
C PHE B 257 -9.04 9.89 -13.73
N LEU B 258 -7.74 10.09 -14.03
CA LEU B 258 -7.18 11.42 -13.87
C LEU B 258 -7.80 12.40 -14.85
N ALA B 259 -8.28 11.93 -15.99
CA ALA B 259 -8.89 12.85 -16.93
C ALA B 259 -10.31 13.21 -16.51
N GLU B 260 -11.09 12.26 -15.98
CA GLU B 260 -12.51 12.45 -15.71
C GLU B 260 -12.83 13.06 -14.35
N ASN B 261 -11.90 13.06 -13.40
CA ASN B 261 -12.16 13.63 -12.08
C ASN B 261 -11.60 15.04 -12.01
N ALA B 262 -12.51 16.02 -11.95
CA ALA B 262 -12.12 17.42 -11.98
C ALA B 262 -11.15 17.77 -10.86
N THR B 263 -11.26 17.11 -9.70
CA THR B 263 -10.38 17.47 -8.59
C THR B 263 -8.98 16.92 -8.75
N ALA B 264 -8.72 16.06 -9.73
CA ALA B 264 -7.37 15.56 -9.94
C ALA B 264 -6.44 16.72 -10.23
N ASN B 265 -5.21 16.64 -9.74
CA ASN B 265 -4.31 17.79 -9.81
C ASN B 265 -2.88 17.32 -9.62
N GLY B 266 -1.97 17.85 -10.45
CA GLY B 266 -0.55 17.58 -10.30
C GLY B 266 -0.07 16.26 -10.89
N ARG B 267 0.82 15.56 -10.19
CA ARG B 267 1.42 14.33 -10.71
C ARG B 267 1.07 13.15 -9.80
N TYR B 268 1.03 11.95 -10.37
CA TYR B 268 0.57 10.75 -9.66
C TYR B 268 1.44 9.54 -9.99
N ILE B 269 2.02 8.93 -8.96
CA ILE B 269 2.68 7.64 -9.13
C ILE B 269 1.62 6.58 -9.42
N CYS B 270 1.94 5.65 -10.32
CA CYS B 270 1.04 4.54 -10.65
C CYS B 270 1.80 3.22 -10.51
N SER B 271 1.48 2.47 -9.47
CA SER B 271 2.22 1.27 -9.09
C SER B 271 1.30 0.42 -8.21
N ARG B 272 1.53 -0.90 -8.18
CA ARG B 272 0.67 -1.74 -7.37
C ARG B 272 1.36 -2.87 -6.60
N TYR B 273 2.38 -3.51 -7.18
CA TYR B 273 2.97 -4.70 -6.56
C TYR B 273 4.49 -4.60 -6.60
N HIS B 274 5.16 -4.78 -5.46
CA HIS B 274 6.59 -4.50 -5.30
C HIS B 274 7.32 -5.74 -4.83
N PRO B 275 7.62 -6.68 -5.73
CA PRO B 275 8.32 -7.90 -5.33
C PRO B 275 9.84 -7.74 -5.40
N THR B 276 10.52 -8.55 -4.61
CA THR B 276 11.91 -8.83 -4.93
C THR B 276 12.01 -9.74 -6.16
N LEU B 277 13.19 -9.75 -6.78
CA LEU B 277 13.40 -10.61 -7.93
C LEU B 277 13.21 -12.09 -7.56
N VAL B 278 13.59 -12.48 -6.34
CA VAL B 278 13.46 -13.88 -5.96
C VAL B 278 11.99 -14.26 -5.76
N GLU B 279 11.18 -13.35 -5.23
CA GLU B 279 9.75 -13.60 -5.20
C GLU B 279 9.19 -13.69 -6.61
N LEU B 280 9.53 -12.72 -7.46
CA LEU B 280 9.06 -12.77 -8.84
C LEU B 280 9.51 -14.05 -9.53
N ALA B 281 10.77 -14.45 -9.35
CA ALA B 281 11.23 -15.62 -10.08
C ALA B 281 10.56 -16.88 -9.56
N THR B 282 10.33 -16.96 -8.25
CA THR B 282 9.68 -18.13 -7.69
C THR B 282 8.25 -18.26 -8.20
N PHE B 283 7.52 -17.14 -8.25
CA PHE B 283 6.19 -17.18 -8.83
C PHE B 283 6.25 -17.66 -10.29
N LEU B 284 7.14 -17.07 -11.11
CA LEU B 284 7.15 -17.43 -12.52
C LEU B 284 7.56 -18.89 -12.70
N ALA B 285 8.58 -19.34 -11.96
CA ALA B 285 9.03 -20.73 -12.03
C ALA B 285 7.91 -21.70 -11.72
N GLN B 286 7.05 -21.33 -10.79
CA GLN B 286 5.99 -22.22 -10.34
C GLN B 286 4.84 -22.26 -11.35
N LYS B 287 4.37 -21.10 -11.79
CA LYS B 287 3.23 -21.08 -12.69
C LYS B 287 3.60 -21.39 -14.13
N TYR B 288 4.85 -21.12 -14.55
CA TYR B 288 5.27 -21.32 -15.93
C TYR B 288 6.56 -22.14 -15.97
N PRO B 289 6.56 -23.35 -15.39
CA PRO B 289 7.80 -24.14 -15.32
C PRO B 289 8.41 -24.48 -16.68
N GLN B 290 7.63 -24.47 -17.76
CA GLN B 290 8.19 -24.84 -19.06
C GLN B 290 9.35 -23.96 -19.50
N TYR B 291 9.59 -22.84 -18.82
CA TYR B 291 10.69 -21.97 -19.22
C TYR B 291 11.95 -22.21 -18.41
N GLY B 292 11.92 -23.04 -17.37
CA GLY B 292 13.17 -23.40 -16.72
C GLY B 292 13.76 -22.31 -15.86
N VAL B 293 12.92 -21.41 -15.34
CA VAL B 293 13.43 -20.39 -14.43
C VAL B 293 14.08 -21.08 -13.24
N LYS B 294 15.25 -20.60 -12.84
CA LYS B 294 15.89 -21.05 -11.61
C LYS B 294 15.86 -19.91 -10.60
N PRO B 295 14.95 -19.94 -9.62
CA PRO B 295 14.85 -18.81 -8.69
C PRO B 295 16.13 -18.51 -7.93
N THR B 296 16.95 -19.52 -7.62
CA THR B 296 18.23 -19.25 -6.98
C THR B 296 19.14 -18.36 -7.82
N ASP B 297 18.91 -18.26 -9.13
CA ASP B 297 19.66 -17.30 -9.94
C ASP B 297 19.41 -15.86 -9.51
N PHE B 298 18.37 -15.61 -8.73
CA PHE B 298 18.02 -14.26 -8.29
C PHE B 298 18.07 -14.11 -6.78
N ASP B 299 18.59 -15.12 -6.08
CA ASP B 299 18.89 -14.97 -4.66
C ASP B 299 19.67 -13.69 -4.47
N ASP B 300 19.54 -13.11 -3.29
CA ASP B 300 20.17 -11.82 -3.09
C ASP B 300 20.06 -11.46 -1.62
N GLU B 301 20.98 -10.62 -1.18
CA GLU B 301 20.92 -10.06 0.15
C GLU B 301 19.76 -9.07 0.25
N GLU B 302 19.12 -9.07 1.41
CA GLU B 302 18.08 -8.10 1.69
C GLU B 302 18.69 -6.70 1.78
N ARG B 303 18.24 -5.79 0.94
CA ARG B 303 18.70 -4.41 0.97
C ARG B 303 17.62 -3.50 1.54
N PRO B 304 18.00 -2.30 1.96
CA PRO B 304 16.99 -1.30 2.31
C PRO B 304 16.01 -1.10 1.15
N ARG B 305 14.73 -1.03 1.50
CA ARG B 305 13.71 -0.80 0.48
C ARG B 305 13.57 0.69 0.24
N VAL B 306 13.77 1.11 -1.00
CA VAL B 306 13.47 2.45 -1.45
C VAL B 306 12.28 2.32 -2.40
N THR B 307 11.10 2.66 -1.92
CA THR B 307 9.88 2.26 -2.57
C THR B 307 9.04 3.49 -2.95
N MET B 308 8.21 3.31 -3.97
CA MET B 308 7.26 4.34 -4.37
C MET B 308 5.99 4.18 -3.56
N SER B 309 5.43 5.31 -3.13
CA SER B 309 4.14 5.29 -2.47
C SER B 309 3.02 5.23 -3.51
N LEU B 310 1.98 4.46 -3.21
CA LEU B 310 0.79 4.33 -4.04
C LEU B 310 -0.37 5.15 -3.51
N GLU B 311 -0.16 5.89 -2.43
CA GLU B 311 -1.29 6.42 -1.68
C GLU B 311 -2.06 7.50 -2.45
N LYS B 312 -1.41 8.31 -3.30
CA LYS B 312 -2.10 9.49 -3.81
C LYS B 312 -3.31 9.13 -4.65
N LEU B 313 -3.16 8.18 -5.58
CA LEU B 313 -4.30 7.72 -6.36
C LEU B 313 -5.38 7.09 -5.48
N ILE B 314 -4.97 6.28 -4.49
CA ILE B 314 -5.94 5.66 -3.59
C ILE B 314 -6.73 6.74 -2.85
N ARG B 315 -6.00 7.65 -2.20
CA ARG B 315 -6.55 8.79 -1.47
C ARG B 315 -7.70 9.44 -2.24
N GLU B 316 -7.59 9.47 -3.57
CA GLU B 316 -8.53 10.20 -4.38
C GLU B 316 -9.63 9.33 -5.00
N GLY B 317 -9.67 8.03 -4.67
CA GLY B 317 -10.80 7.19 -5.01
C GLY B 317 -10.54 6.14 -6.07
N PHE B 318 -9.36 6.14 -6.68
CA PHE B 318 -9.05 5.13 -7.69
C PHE B 318 -8.91 3.76 -7.05
N GLU B 319 -9.27 2.73 -7.81
CA GLU B 319 -9.17 1.35 -7.33
C GLU B 319 -8.46 0.50 -8.38
N TYR B 320 -7.45 -0.24 -7.93
CA TYR B 320 -6.72 -1.15 -8.80
C TYR B 320 -7.45 -2.47 -8.90
N LYS B 321 -7.44 -3.04 -10.12
CA LYS B 321 -8.13 -4.30 -10.39
C LYS B 321 -7.21 -5.52 -10.36
N HIS B 322 -5.90 -5.34 -10.56
CA HIS B 322 -4.93 -6.44 -10.55
C HIS B 322 -4.04 -6.25 -9.35
N ASN B 323 -4.35 -6.98 -8.26
CA ASN B 323 -3.76 -6.68 -6.97
C ASN B 323 -2.82 -7.76 -6.43
N THR B 324 -2.87 -8.97 -6.95
CA THR B 324 -1.86 -9.95 -6.62
C THR B 324 -0.82 -10.01 -7.73
N LEU B 325 0.32 -10.61 -7.41
CA LEU B 325 1.33 -10.77 -8.44
C LEU B 325 0.76 -11.59 -9.59
N GLU B 326 0.00 -12.64 -9.26
CA GLU B 326 -0.54 -13.50 -10.32
C GLU B 326 -1.49 -12.72 -11.24
N GLU B 327 -2.32 -11.85 -10.66
CA GLU B 327 -3.22 -11.02 -11.46
C GLU B 327 -2.46 -10.03 -12.32
N ILE B 328 -1.37 -9.47 -11.80
CA ILE B 328 -0.58 -8.56 -12.60
C ILE B 328 0.00 -9.28 -13.80
N TYR B 329 0.38 -10.54 -13.63
CA TYR B 329 0.86 -11.35 -14.73
C TYR B 329 -0.24 -12.20 -15.37
N ASP B 330 -1.50 -11.75 -15.38
CA ASP B 330 -2.58 -12.67 -15.72
C ASP B 330 -2.54 -13.09 -17.20
N ASN B 331 -2.14 -12.20 -18.10
CA ASN B 331 -2.24 -12.52 -19.52
C ASN B 331 -0.98 -12.13 -20.30
N VAL B 332 0.11 -11.75 -19.63
CA VAL B 332 1.24 -11.18 -20.34
C VAL B 332 2.02 -12.25 -21.07
N VAL B 333 2.07 -13.48 -20.53
CA VAL B 333 2.86 -14.54 -21.16
C VAL B 333 2.28 -14.88 -22.52
N GLU B 334 0.96 -15.04 -22.58
CA GLU B 334 0.31 -15.26 -23.87
C GLU B 334 0.65 -14.14 -24.83
N TYR B 335 0.63 -12.89 -24.36
CA TYR B 335 1.01 -11.77 -25.21
C TYR B 335 2.44 -11.93 -25.69
N GLY B 336 3.34 -12.30 -24.79
CA GLY B 336 4.72 -12.50 -25.19
C GLY B 336 4.86 -13.57 -26.25
N LYS B 337 4.12 -14.67 -26.11
CA LYS B 337 4.15 -15.71 -27.14
C LYS B 337 3.69 -15.14 -28.48
N ALA B 338 2.55 -14.45 -28.48
CA ALA B 338 2.02 -13.98 -29.75
C ALA B 338 2.93 -12.93 -30.39
N LEU B 339 3.68 -12.17 -29.59
CA LEU B 339 4.66 -11.21 -30.11
C LEU B 339 5.96 -11.86 -30.55
N GLY B 340 6.16 -13.14 -30.24
CA GLY B 340 7.47 -13.73 -30.50
C GLY B 340 8.53 -13.44 -29.47
N ILE B 341 8.23 -12.66 -28.42
CA ILE B 341 9.24 -12.42 -27.40
C ILE B 341 9.56 -13.73 -26.68
N LEU B 342 8.60 -14.65 -26.62
CA LEU B 342 8.80 -15.98 -26.05
C LEU B 342 8.70 -17.05 -27.14
N PRO B 343 9.53 -18.09 -27.07
CA PRO B 343 9.56 -19.09 -28.17
C PRO B 343 8.34 -19.98 -28.23
N TYR B 344 7.55 -20.11 -27.17
CA TYR B 344 6.43 -21.04 -27.18
C TYR B 344 5.52 -20.85 -25.96
C1 DQH C . -1.25 -11.77 10.83
C2 DQH C . -1.88 -12.50 11.84
C3 DQH C . -1.83 -12.09 13.20
C4 DQH C . -1.16 -10.92 13.55
C5 DQH C . -0.53 -10.16 12.53
C6 DQH C . -0.58 -10.59 11.20
C9 DQH C . -2.52 -12.84 14.31
C10 DQH C . -2.21 -12.52 15.72
C11 DQH C . -2.12 -10.98 15.91
C14 DQH C . -1.85 -10.67 17.36
C15 DQH C . -0.57 -10.59 17.92
C16 DQH C . -0.43 -10.32 19.30
C17 DQH C . -1.56 -10.13 20.08
C18 DQH C . -2.85 -10.21 19.51
C19 DQH C . -2.98 -10.47 18.15
O12 DQH C . -1.11 -10.45 15.01
O13 DQH C . -3.35 -13.64 14.01
O23 DQH C . -4.02 -10.02 20.29
O24 DQH C . -1.44 -9.86 21.47
O27 DQH C . -3.23 -13.16 16.59
O29 DQH C . 0.05 -9.84 10.23
O30 DQH C . -2.54 -13.67 11.46
H1 DQH C . -1.29 -12.10 9.75
H5 DQH C . -0.01 -9.23 12.78
H10 DQH C . -1.28 -12.93 16.02
H11 DQH C . -3.07 -10.49 15.66
H15 DQH C . 0.30 -10.75 17.30
H16 DQH C . 0.52 -10.26 19.73
H19 DQH C . -3.95 -10.54 17.72
H23 DQH C . -3.79 -9.74 21.13
H24 DQH C . -0.48 -9.93 21.74
H27 DQH C . -2.76 -13.66 17.37
H29 DQH C . -0.51 -9.83 9.44
H30 DQH C . -2.36 -14.32 12.05
PA NAP D . -2.43 -5.93 26.90
O1A NAP D . -1.23 -5.02 27.17
O2A NAP D . -2.33 -7.26 27.65
O5B NAP D . -3.83 -5.09 27.28
C5B NAP D . -4.90 -5.83 27.80
C4B NAP D . -5.67 -5.07 28.91
O4B NAP D . -6.88 -5.58 28.99
C3B NAP D . -5.01 -5.27 30.28
O3B NAP D . -4.68 -4.01 30.72
C2B NAP D . -6.08 -5.97 31.15
O2B NAP D . -5.93 -5.52 32.58
C1B NAP D . -7.20 -5.68 30.57
N9A NAP D . -8.14 -6.74 30.89
C8A NAP D . -8.06 -8.04 30.60
N7A NAP D . -9.14 -8.64 31.12
C5A NAP D . -9.89 -7.69 31.73
C6A NAP D . -11.08 -7.74 32.40
N6A NAP D . -11.81 -8.97 32.61
N1A NAP D . -11.61 -6.65 32.92
C2A NAP D . -10.97 -5.46 32.78
N3A NAP D . -9.80 -5.39 32.10
C4A NAP D . -9.26 -6.51 31.59
O3 NAP D . -2.45 -6.27 25.28
PN NAP D . -2.64 -5.13 24.08
O1N NAP D . -1.48 -5.34 23.15
O2N NAP D . -2.73 -3.71 24.63
O5D NAP D . -4.03 -5.46 23.23
C5D NAP D . -5.16 -4.63 23.35
C4D NAP D . -6.16 -5.19 22.30
O4D NAP D . -5.56 -4.75 20.93
C3D NAP D . -6.25 -6.46 22.27
O3D NAP D . -7.71 -6.72 22.49
C2D NAP D . -5.70 -6.95 20.78
O2D NAP D . -6.48 -8.18 20.55
C1D NAP D . -5.71 -5.95 19.98
N1N NAP D . -4.49 -6.27 19.12
C2N NAP D . -3.15 -6.13 19.51
C3N NAP D . -2.14 -6.52 18.62
C7N NAP D . -0.63 -6.38 19.04
O7N NAP D . 0.25 -6.65 18.26
N7N NAP D . -0.37 -5.96 20.42
C4N NAP D . -2.43 -7.02 17.39
C5N NAP D . -3.72 -7.15 17.02
C6N NAP D . -4.76 -6.77 17.90
P2B NAP D . -5.05 -6.52 33.61
O1X NAP D . -3.58 -6.41 33.34
O2X NAP D . -5.31 -6.12 35.05
O3X NAP D . -5.50 -7.95 33.38
H51A NAP D . -4.51 -6.75 28.21
H52A NAP D . -5.57 -6.06 26.99
H4B NAP D . -5.73 -3.99 28.71
H3B NAP D . -4.13 -5.92 30.26
HO3A NAP D . -5.42 -3.63 31.17
H2B NAP D . -6.02 -7.05 31.15
H1B NAP D . -7.59 -4.70 30.88
H8A NAP D . -7.28 -8.52 30.05
H61A NAP D . -11.35 -9.84 32.49
H62A NAP D . -12.78 -8.94 32.86
H2A NAP D . -11.40 -4.56 33.20
H51N NAP D . -4.91 -3.60 23.13
H52N NAP D . -5.57 -4.69 24.35
H4D NAP D . -7.17 -4.86 22.49
H3D NAP D . -5.63 -6.99 22.97
HO3N NAP D . -8.16 -6.81 21.66
H2D NAP D . -4.66 -7.19 20.65
HO2N NAP D . -5.97 -8.74 20.00
H1D NAP D . -6.60 -5.75 19.39
H2N NAP D . -2.90 -5.71 20.47
H71N NAP D . 0.57 -5.86 20.74
H72N NAP D . -1.14 -5.76 21.07
H4N NAP D . -1.63 -7.31 16.72
H5N NAP D . -3.96 -7.55 16.03
H6N NAP D . -5.80 -6.89 17.59
S SO4 E . -1.78 14.15 13.81
O1 SO4 E . -1.21 15.49 13.85
O2 SO4 E . -3.05 14.14 14.52
O3 SO4 E . -2.09 13.75 12.42
O4 SO4 E . -0.86 13.25 14.50
S SO4 F . -10.78 18.12 22.24
O1 SO4 F . -11.36 17.47 23.42
O2 SO4 F . -10.70 19.56 22.49
O3 SO4 F . -11.64 17.87 21.08
O4 SO4 F . -9.45 17.58 21.99
C1 DQH G . 11.96 1.73 -9.94
C2 DQH G . 12.56 2.39 -11.01
C3 DQH G . 12.16 2.14 -12.34
C4 DQH G . 11.14 1.24 -12.58
C5 DQH G . 10.51 0.56 -11.50
C6 DQH G . 10.93 0.80 -10.18
C9 DQH G . 12.76 2.84 -13.52
C10 DQH G . 12.57 2.29 -14.86
C11 DQH G . 11.10 1.87 -15.11
C14 DQH G . 10.99 1.12 -16.41
C15 DQH G . 11.52 -0.14 -16.58
C16 DQH G . 11.39 -0.84 -17.81
C17 DQH G . 10.74 -0.24 -18.88
C18 DQH G . 10.21 1.05 -18.69
C19 DQH G . 10.34 1.72 -17.47
O12 DQH G . 10.69 0.99 -14.02
O13 DQH G . 13.37 3.86 -13.36
O23 DQH G . 9.55 1.71 -19.75
O24 DQH G . 10.62 -0.92 -20.14
O27 DQH G . 13.01 3.36 -15.79
O29 DQH G . 10.32 0.14 -9.14
O30 DQH G . 13.58 3.32 -10.75
H1 DQH G . 12.30 1.93 -8.87
H5 DQH G . 9.71 -0.15 -11.70
H10 DQH G . 13.16 1.42 -15.02
H11 DQH G . 10.48 2.77 -15.14
H15 DQH G . 12.03 -0.62 -15.75
H16 DQH G . 11.81 -1.79 -17.92
H19 DQH G . 9.92 2.69 -17.37
H23 DQH G . 8.87 1.18 -20.07
H24 DQH G . 10.19 -0.30 -20.80
H27 DQH G . 13.74 2.96 -16.41
H29 DQH G . 9.67 -0.47 -9.50
H30 DQH G . 13.25 3.97 -10.23
PA NAP H . 6.35 2.30 -26.73
O1A NAP H . 5.60 1.00 -27.02
O2A NAP H . 7.72 2.40 -27.38
O5B NAP H . 5.35 3.51 -27.25
C5B NAP H . 6.00 4.72 -27.44
C4B NAP H . 5.52 5.36 -28.76
O4B NAP H . 6.14 6.51 -28.83
C3B NAP H . 5.89 4.54 -29.99
O3B NAP H . 4.74 3.91 -30.42
C2B NAP H . 6.42 5.68 -30.91
O2B NAP H . 5.80 5.40 -32.23
C1B NAP H . 6.11 6.83 -30.39
N9A NAP H . 7.12 7.80 -30.82
C8A NAP H . 8.45 7.79 -30.65
N7A NAP H . 8.96 8.87 -31.26
C5A NAP H . 7.93 9.54 -31.80
C6A NAP H . 7.88 10.69 -32.52
N6A NAP H . 9.05 11.43 -32.82
N1A NAP H . 6.73 11.16 -32.96
C2A NAP H . 5.58 10.48 -32.70
N3A NAP H . 5.61 9.34 -31.99
C4A NAP H . 6.80 8.87 -31.54
O3 NAP H . 6.60 2.47 -25.11
PN NAP H . 5.44 2.44 -23.96
O1N NAP H . 5.81 1.29 -23.04
O2N NAP H . 4.06 2.26 -24.54
O5D NAP H . 5.50 3.85 -23.08
C5D NAP H . 4.79 4.99 -23.46
C4D NAP H . 5.19 6.11 -22.43
O4D NAP H . 4.88 5.52 -21.03
C3D NAP H . 6.44 6.41 -22.45
O3D NAP H . 6.62 7.86 -22.23
C2D NAP H . 7.12 5.63 -21.17
O2D NAP H . 8.34 6.36 -20.87
C1D NAP H . 6.20 5.65 -20.27
N1N NAP H . 6.47 4.50 -19.33
C2N NAP H . 6.34 3.18 -19.70
C3N NAP H . 6.63 2.20 -18.75
C7N NAP H . 6.53 0.68 -19.10
O7N NAP H . 6.78 -0.15 -18.27
N7N NAP H . 6.15 0.29 -20.46
C4N NAP H . 7.04 2.54 -17.50
C5N NAP H . 7.16 3.85 -17.15
C6N NAP H . 6.87 4.83 -18.09
P2B NAP H . 6.75 4.77 -33.46
O1X NAP H . 6.51 3.29 -33.61
O2X NAP H . 6.30 5.52 -34.70
O3X NAP H . 8.21 5.06 -33.18
H51A NAP H . 7.06 4.55 -27.49
H52A NAP H . 5.79 5.38 -26.62
H4B NAP H . 4.43 5.46 -28.81
H3B NAP H . 6.65 3.77 -29.88
HO3A NAP H . 4.18 4.55 -30.82
H2B NAP H . 7.50 5.72 -30.94
H1B NAP H . 5.14 7.22 -30.67
H8A NAP H . 9.02 7.04 -30.11
H61A NAP H . 8.96 12.35 -33.22
H62A NAP H . 9.96 11.06 -32.63
H2A NAP H . 4.63 10.87 -33.05
H51N NAP H . 3.73 4.80 -23.43
H52N NAP H . 5.07 5.29 -24.47
H4D NAP H . 4.66 7.05 -22.63
H3D NAP H . 6.87 6.07 -23.38
HO3N NAP H . 6.91 8.05 -21.35
H2D NAP H . 7.36 4.59 -21.33
HO2N NAP H . 8.75 6.65 -21.67
H1D NAP H . 6.19 6.59 -19.71
H2N NAP H . 6.03 2.91 -20.71
H71N NAP H . 5.95 0.99 -21.14
H72N NAP H . 6.08 -0.70 -20.70
H4N NAP H . 7.26 1.76 -16.78
H5N NAP H . 7.47 4.12 -16.14
H6N NAP H . 6.97 5.90 -17.81
S SO4 I . -13.85 0.46 -14.14
O1 SO4 I . -13.50 1.78 -13.63
O2 SO4 I . -15.30 0.26 -13.98
O3 SO4 I . -13.47 0.33 -15.54
O4 SO4 I . -13.15 -0.56 -13.36
S SO4 J . 22.63 5.57 11.24
O1 SO4 J . 22.58 6.59 12.28
O2 SO4 J . 21.36 4.86 11.26
O3 SO4 J . 22.86 6.18 9.91
O4 SO4 J . 23.71 4.63 11.53
S SO4 K . 5.77 28.85 -25.64
O1 SO4 K . 6.36 30.18 -25.71
O2 SO4 K . 4.32 28.95 -25.52
O3 SO4 K . 6.07 28.09 -26.85
O4 SO4 K . 6.33 28.14 -24.49
#